data_7BWG
#
_entry.id   7BWG
#
_cell.length_a   78.035
_cell.length_b   81.928
_cell.length_c   79.418
_cell.angle_alpha   90.000
_cell.angle_beta   94.076
_cell.angle_gamma   90.000
#
_symmetry.space_group_name_H-M   'P 1 21 1'
#
loop_
_entity.id
_entity.type
_entity.pdbx_description
1 polymer Beta-N-acetylhexosaminidase
2 water water
#
_entity_poly.entity_id   1
_entity_poly.type   'polypeptide(L)'
_entity_poly.pdbx_seq_one_letter_code
;MELALGCSPAAQNGDTVPLPAVVPAPAAIEQATGAPFRLDASTRIEGEADAASALSALLEARTGLAPATGGDGAVIALRI
EGGGPAESYALTADEASVTVTGADAAGLFYGVQTLGQLLARDGDAWVVPAVSIEDAPRFAYRGVMLDVARHFHPVETVKA
YIGHAASLKLNALHLHLSDDQGWRIELHSRPELTALASSTAVGGDPGGFYTKDDYREIVEYAASRHMIVVPEIDMPSHTH
AIGLAYPELAEEPVITDPMRETAAATGGALPESGTPYLGIEVGFSSLKIHDEATYDFAADVFGELAGMTPGPYLHLGGDE
AHGTAEEDFALFVSRVSTIIADLGKTPVAWHEAGDAGGLAGATVGQYWGYVTPTDGMDDRARGFVSNGGQLILSPADAIY
LDMKYPTGPDLGLSWANGPTSVQRAYDWEPSTVIPGIDDADILGVEAPLWSETLRSLDDIETMAFPRIAAAAEAAWSPAT
GASDLRTWESFRARVGALGPLWTSLGIGFHPSGEIDWATEKGQFLEHHHHHH
;
_entity_poly.pdbx_strand_id   A,B
#
# COMPACT_ATOMS: atom_id res chain seq x y z
N LEU A 19 27.65 -18.29 -34.59
CA LEU A 19 26.72 -18.44 -33.48
C LEU A 19 25.80 -17.23 -33.38
N PRO A 20 24.49 -17.47 -33.31
CA PRO A 20 23.53 -16.35 -33.32
C PRO A 20 23.69 -15.45 -32.10
N ALA A 21 23.81 -14.15 -32.36
CA ALA A 21 24.09 -13.18 -31.29
C ALA A 21 22.81 -12.84 -30.54
N VAL A 22 22.88 -12.89 -29.21
CA VAL A 22 21.76 -12.55 -28.34
C VAL A 22 22.33 -11.97 -27.04
N VAL A 23 21.81 -10.83 -26.62
CA VAL A 23 22.26 -10.16 -25.40
C VAL A 23 21.07 -9.92 -24.47
N PRO A 24 21.15 -10.30 -23.18
CA PRO A 24 22.29 -10.90 -22.48
C PRO A 24 22.61 -12.32 -22.93
N ALA A 25 23.88 -12.69 -22.84
CA ALA A 25 24.32 -14.03 -23.23
C ALA A 25 23.56 -15.09 -22.44
N PRO A 26 22.80 -15.97 -23.09
CA PRO A 26 22.05 -16.98 -22.34
C PRO A 26 22.98 -17.95 -21.63
N ALA A 27 22.39 -18.70 -20.69
CA ALA A 27 23.17 -19.66 -19.92
C ALA A 27 23.67 -20.79 -20.80
N ALA A 28 22.79 -21.36 -21.62
CA ALA A 28 23.14 -22.44 -22.53
C ALA A 28 22.57 -22.12 -23.90
N ILE A 29 23.44 -22.05 -24.90
CA ILE A 29 23.04 -21.74 -26.27
C ILE A 29 23.86 -22.59 -27.22
N GLU A 30 23.19 -23.24 -28.17
CA GLU A 30 23.85 -24.13 -29.11
C GLU A 30 23.10 -24.12 -30.43
N GLN A 31 23.85 -24.04 -31.52
CA GLN A 31 23.26 -24.07 -32.85
C GLN A 31 22.63 -25.44 -33.13
N ALA A 32 21.77 -25.47 -34.13
CA ALA A 32 21.03 -26.67 -34.49
C ALA A 32 21.58 -27.27 -35.78
N THR A 33 21.14 -28.50 -36.06
CA THR A 33 21.71 -29.25 -37.17
C THR A 33 21.12 -28.85 -38.52
N GLY A 34 19.90 -28.32 -38.55
CA GLY A 34 19.15 -28.17 -39.78
C GLY A 34 19.09 -26.74 -40.29
N ALA A 35 18.07 -26.49 -41.12
CA ALA A 35 17.89 -25.22 -41.80
C ALA A 35 17.06 -24.26 -40.95
N PRO A 36 17.16 -22.94 -41.19
CA PRO A 36 16.48 -21.98 -40.30
C PRO A 36 14.97 -21.94 -40.48
N PHE A 37 14.32 -20.98 -39.83
CA PHE A 37 12.86 -20.86 -39.78
C PHE A 37 12.44 -19.67 -40.63
N ARG A 38 11.74 -19.95 -41.74
CA ARG A 38 11.21 -18.89 -42.59
C ARG A 38 9.92 -18.35 -41.99
N LEU A 39 9.82 -17.02 -41.90
CA LEU A 39 8.68 -16.39 -41.23
C LEU A 39 7.49 -16.27 -42.16
N ASP A 40 7.68 -15.67 -43.35
CA ASP A 40 6.63 -15.47 -44.33
C ASP A 40 5.47 -14.68 -43.74
N ALA A 41 4.28 -14.83 -44.33
CA ALA A 41 3.07 -14.21 -43.83
C ALA A 41 2.03 -15.25 -43.40
N SER A 42 2.48 -16.48 -43.10
CA SER A 42 1.58 -17.57 -42.75
C SER A 42 1.80 -18.11 -41.34
N THR A 43 2.86 -17.72 -40.65
CA THR A 43 3.10 -18.22 -39.31
C THR A 43 2.03 -17.72 -38.34
N ARG A 44 1.67 -18.57 -37.37
CA ARG A 44 0.43 -18.41 -36.63
C ARG A 44 0.59 -17.83 -35.24
N ILE A 45 1.67 -18.18 -34.52
CA ILE A 45 1.89 -17.84 -33.12
C ILE A 45 0.89 -18.59 -32.25
N GLU A 46 1.39 -19.25 -31.20
CA GLU A 46 0.54 -20.01 -30.30
C GLU A 46 -0.15 -19.08 -29.30
N GLY A 47 -1.41 -19.41 -28.99
CA GLY A 47 -2.19 -18.59 -28.07
C GLY A 47 -1.61 -18.54 -26.67
N GLU A 48 -0.82 -17.51 -26.39
CA GLU A 48 -0.15 -17.33 -25.11
C GLU A 48 -0.49 -15.97 -24.50
N ALA A 49 -1.76 -15.59 -24.58
CA ALA A 49 -2.30 -14.38 -23.94
C ALA A 49 -1.55 -13.17 -24.47
N ASP A 50 -0.88 -12.38 -23.64
CA ASP A 50 -0.21 -11.15 -24.05
C ASP A 50 1.23 -11.37 -24.49
N ALA A 51 1.83 -12.51 -24.18
CA ALA A 51 3.17 -12.80 -24.67
C ALA A 51 3.20 -12.85 -26.19
N ALA A 52 2.10 -13.30 -26.81
CA ALA A 52 2.00 -13.23 -28.26
C ALA A 52 1.96 -11.79 -28.74
N SER A 53 1.22 -10.93 -28.04
CA SER A 53 1.19 -9.51 -28.39
C SER A 53 2.56 -8.88 -28.22
N ALA A 54 3.31 -9.32 -27.21
CA ALA A 54 4.68 -8.84 -27.04
C ALA A 54 5.57 -9.31 -28.18
N LEU A 55 5.27 -10.49 -28.75
CA LEU A 55 6.03 -10.97 -29.90
C LEU A 55 5.59 -10.28 -31.18
N SER A 56 4.29 -9.99 -31.31
CA SER A 56 3.80 -9.31 -32.49
C SER A 56 4.33 -7.88 -32.58
N ALA A 57 4.38 -7.17 -31.45
CA ALA A 57 4.98 -5.84 -31.44
C ALA A 57 6.47 -5.92 -31.69
N LEU A 58 7.11 -7.02 -31.30
CA LEU A 58 8.51 -7.23 -31.65
C LEU A 58 8.72 -7.38 -33.14
N LEU A 59 7.66 -7.69 -33.89
CA LEU A 59 7.72 -7.71 -35.35
C LEU A 59 7.61 -6.29 -35.90
N GLU A 60 8.14 -5.31 -35.16
CA GLU A 60 8.34 -3.98 -35.71
C GLU A 60 9.64 -3.89 -36.50
N ALA A 61 10.56 -4.83 -36.29
CA ALA A 61 11.72 -4.93 -37.16
C ALA A 61 11.32 -5.30 -38.58
N ARG A 62 10.20 -5.99 -38.73
CA ARG A 62 9.68 -6.36 -40.05
C ARG A 62 8.16 -6.45 -39.93
N THR A 63 7.46 -5.45 -40.47
CA THR A 63 6.01 -5.36 -40.36
C THR A 63 5.32 -6.61 -40.90
N GLY A 73 0.19 -21.32 -40.45
CA GLY A 73 1.11 -22.07 -41.28
C GLY A 73 2.08 -22.92 -40.50
N ALA A 74 3.22 -22.33 -40.11
CA ALA A 74 4.25 -23.04 -39.37
C ALA A 74 4.05 -22.96 -37.86
N VAL A 75 3.55 -21.82 -37.38
CA VAL A 75 3.18 -21.58 -35.98
C VAL A 75 4.42 -21.50 -35.09
N ILE A 76 4.48 -20.44 -34.28
CA ILE A 76 5.52 -20.27 -33.27
C ILE A 76 4.88 -20.48 -31.91
N ALA A 77 5.43 -21.40 -31.12
CA ALA A 77 4.81 -21.86 -29.88
C ALA A 77 5.37 -21.08 -28.69
N LEU A 78 4.48 -20.39 -27.97
CA LEU A 78 4.81 -19.74 -26.71
C LEU A 78 3.98 -20.41 -25.62
N ARG A 79 4.65 -21.12 -24.72
CA ARG A 79 3.96 -21.90 -23.69
C ARG A 79 4.58 -21.64 -22.33
N ILE A 80 3.74 -21.69 -21.30
CA ILE A 80 4.17 -21.53 -19.92
C ILE A 80 4.05 -22.86 -19.20
N GLU A 81 5.12 -23.66 -19.24
CA GLU A 81 5.12 -24.95 -18.57
C GLU A 81 5.24 -24.77 -17.06
N GLY A 82 6.45 -24.56 -16.58
CA GLY A 82 6.66 -24.35 -15.16
C GLY A 82 7.34 -25.54 -14.52
N GLY A 83 8.04 -25.28 -13.41
CA GLY A 83 8.75 -26.32 -12.69
C GLY A 83 10.23 -26.03 -12.58
N GLY A 84 10.81 -25.44 -13.61
CA GLY A 84 12.20 -25.08 -13.62
C GLY A 84 12.46 -23.81 -12.83
N PRO A 85 13.64 -23.21 -13.03
CA PRO A 85 13.97 -21.99 -12.30
C PRO A 85 13.03 -20.85 -12.65
N ALA A 86 12.94 -19.89 -11.73
CA ALA A 86 12.07 -18.74 -11.93
C ALA A 86 12.61 -17.85 -13.05
N GLU A 87 11.70 -17.11 -13.68
CA GLU A 87 11.95 -16.30 -14.88
C GLU A 87 12.97 -16.94 -15.82
N SER A 88 12.88 -18.25 -15.99
CA SER A 88 13.71 -19.01 -16.91
C SER A 88 12.87 -19.52 -18.07
N TYR A 89 13.54 -19.85 -19.17
CA TYR A 89 12.83 -20.31 -20.35
C TYR A 89 13.69 -21.27 -21.14
N ALA A 90 13.05 -21.91 -22.13
CA ALA A 90 13.73 -22.75 -23.11
C ALA A 90 13.27 -22.33 -24.49
N LEU A 91 14.22 -22.06 -25.37
CA LEU A 91 13.94 -21.63 -26.74
C LEU A 91 14.53 -22.64 -27.71
N THR A 92 13.71 -23.12 -28.64
CA THR A 92 14.14 -24.04 -29.68
C THR A 92 13.57 -23.58 -31.01
N ALA A 93 14.42 -23.50 -32.03
CA ALA A 93 14.03 -23.06 -33.36
C ALA A 93 14.52 -24.05 -34.39
N ASP A 94 13.61 -24.62 -35.16
CA ASP A 94 13.96 -25.50 -36.27
C ASP A 94 13.20 -25.01 -37.50
N GLU A 95 13.03 -25.89 -38.49
CA GLU A 95 12.28 -25.55 -39.69
C GLU A 95 10.78 -25.75 -39.52
N ALA A 96 10.37 -26.74 -38.72
CA ALA A 96 8.94 -27.01 -38.55
C ALA A 96 8.28 -25.93 -37.71
N SER A 97 8.82 -25.66 -36.51
CA SER A 97 8.20 -24.69 -35.62
C SER A 97 9.23 -24.19 -34.62
N VAL A 98 8.93 -23.02 -34.04
CA VAL A 98 9.71 -22.43 -32.96
C VAL A 98 8.92 -22.57 -31.67
N THR A 99 9.61 -22.89 -30.58
CA THR A 99 8.94 -23.12 -29.30
C THR A 99 9.72 -22.41 -28.20
N VAL A 100 9.09 -21.41 -27.59
CA VAL A 100 9.62 -20.74 -26.41
C VAL A 100 8.78 -21.19 -25.21
N THR A 101 9.43 -21.84 -24.24
CA THR A 101 8.75 -22.41 -23.10
C THR A 101 9.38 -21.87 -21.82
N GLY A 102 8.62 -21.05 -21.09
CA GLY A 102 9.10 -20.49 -19.84
C GLY A 102 8.36 -21.03 -18.63
N ALA A 103 8.96 -20.85 -17.45
CA ALA A 103 8.31 -21.29 -16.21
C ALA A 103 7.33 -20.25 -15.67
N ASP A 104 7.52 -18.99 -16.00
CA ASP A 104 6.63 -17.89 -15.61
C ASP A 104 6.05 -17.24 -16.85
N ALA A 105 5.23 -16.21 -16.63
CA ALA A 105 4.96 -15.25 -17.69
C ALA A 105 6.19 -14.38 -17.94
N ALA A 106 7.02 -14.18 -16.91
CA ALA A 106 8.27 -13.46 -17.10
C ALA A 106 9.28 -14.30 -17.86
N GLY A 107 9.39 -15.59 -17.51
CA GLY A 107 10.30 -16.45 -18.23
C GLY A 107 9.99 -16.53 -19.71
N LEU A 108 8.71 -16.72 -20.03
CA LEU A 108 8.28 -16.65 -21.43
C LEU A 108 8.57 -15.27 -22.03
N PHE A 109 8.35 -14.22 -21.24
CA PHE A 109 8.59 -12.87 -21.74
C PHE A 109 10.05 -12.66 -22.12
N TYR A 110 10.97 -13.18 -21.30
CA TYR A 110 12.38 -13.06 -21.63
C TYR A 110 12.78 -13.99 -22.77
N GLY A 111 12.09 -15.13 -22.90
CA GLY A 111 12.28 -15.96 -24.07
C GLY A 111 11.70 -15.32 -25.32
N VAL A 112 10.58 -14.60 -25.17
CA VAL A 112 10.04 -13.84 -26.28
C VAL A 112 10.96 -12.69 -26.64
N GLN A 113 11.73 -12.18 -25.67
CA GLN A 113 12.69 -11.13 -25.96
C GLN A 113 13.88 -11.67 -26.73
N THR A 114 14.31 -12.90 -26.42
CA THR A 114 15.41 -13.50 -27.15
C THR A 114 15.04 -13.79 -28.59
N LEU A 115 13.75 -14.05 -28.86
CA LEU A 115 13.31 -14.26 -30.24
C LEU A 115 13.58 -13.03 -31.10
N GLY A 116 13.29 -11.84 -30.56
CA GLY A 116 13.53 -10.62 -31.31
C GLY A 116 15.00 -10.44 -31.68
N GLN A 117 15.89 -10.68 -30.72
CA GLN A 117 17.32 -10.60 -31.01
C GLN A 117 17.74 -11.69 -31.99
N LEU A 118 17.13 -12.88 -31.89
CA LEU A 118 17.49 -13.97 -32.77
C LEU A 118 17.05 -13.71 -34.21
N LEU A 119 15.95 -13.00 -34.39
CA LEU A 119 15.40 -12.75 -35.73
C LEU A 119 16.44 -12.12 -36.64
N ALA A 120 16.71 -12.79 -37.75
CA ALA A 120 17.65 -12.31 -38.75
C ALA A 120 17.01 -12.38 -40.13
N ARG A 121 17.69 -11.82 -41.12
CA ARG A 121 17.22 -11.79 -42.49
C ARG A 121 18.10 -12.70 -43.34
N ASP A 122 17.46 -13.59 -44.11
CA ASP A 122 18.18 -14.42 -45.06
C ASP A 122 18.61 -13.55 -46.24
N GLY A 123 17.68 -13.29 -47.15
CA GLY A 123 17.88 -12.32 -48.21
C GLY A 123 16.79 -11.28 -48.16
N ASP A 124 15.60 -11.64 -48.66
CA ASP A 124 14.42 -10.82 -48.51
C ASP A 124 13.50 -11.32 -47.39
N ALA A 125 13.50 -12.61 -47.12
CA ALA A 125 12.68 -13.18 -46.07
C ALA A 125 13.34 -12.98 -44.71
N TRP A 126 12.51 -12.98 -43.68
CA TRP A 126 12.98 -12.88 -42.30
C TRP A 126 12.99 -14.25 -41.66
N VAL A 127 14.01 -14.50 -40.85
CA VAL A 127 14.44 -15.86 -40.53
C VAL A 127 14.91 -15.94 -39.08
N VAL A 128 14.59 -17.04 -38.42
CA VAL A 128 15.09 -17.35 -37.09
C VAL A 128 16.13 -18.46 -37.23
N PRO A 129 17.35 -18.27 -36.75
CA PRO A 129 18.39 -19.29 -36.94
C PRO A 129 18.07 -20.57 -36.18
N ALA A 130 18.49 -21.68 -36.75
CA ALA A 130 18.35 -22.99 -36.10
C ALA A 130 19.22 -23.00 -34.86
N VAL A 131 18.60 -22.94 -33.68
CA VAL A 131 19.33 -22.80 -32.43
C VAL A 131 18.43 -23.27 -31.31
N SER A 132 19.03 -23.77 -30.24
CA SER A 132 18.32 -24.18 -29.03
C SER A 132 18.92 -23.47 -27.83
N ILE A 133 18.07 -22.80 -27.05
CA ILE A 133 18.51 -22.00 -25.92
C ILE A 133 17.78 -22.47 -24.67
N GLU A 134 18.54 -22.73 -23.60
CA GLU A 134 18.01 -23.00 -22.27
C GLU A 134 18.58 -21.94 -21.34
N ASP A 135 17.73 -21.03 -20.88
CA ASP A 135 18.18 -19.84 -20.17
C ASP A 135 17.61 -19.79 -18.76
N ALA A 136 18.28 -19.00 -17.91
CA ALA A 136 17.91 -18.76 -16.53
C ALA A 136 18.70 -17.57 -15.99
N PRO A 137 18.09 -16.73 -15.16
CA PRO A 137 18.80 -15.54 -14.67
C PRO A 137 19.75 -15.86 -13.53
N ARG A 138 20.85 -15.10 -13.48
CA ARG A 138 21.83 -15.27 -12.41
C ARG A 138 21.40 -14.55 -11.14
N PHE A 139 20.89 -13.33 -11.27
CA PHE A 139 20.48 -12.52 -10.13
C PHE A 139 18.99 -12.21 -10.23
N ALA A 140 18.29 -12.31 -9.09
CA ALA A 140 16.87 -12.02 -9.07
C ALA A 140 16.58 -10.54 -9.27
N TYR A 141 17.53 -9.68 -8.90
CA TYR A 141 17.40 -8.24 -9.12
C TYR A 141 18.25 -7.85 -10.32
N ARG A 142 17.59 -7.38 -11.37
CA ARG A 142 18.24 -6.89 -12.59
C ARG A 142 17.65 -5.51 -12.85
N GLY A 143 18.26 -4.49 -12.26
CA GLY A 143 17.64 -3.18 -12.14
C GLY A 143 18.24 -2.12 -13.05
N VAL A 144 17.42 -1.12 -13.37
CA VAL A 144 17.85 0.10 -14.04
C VAL A 144 17.19 1.27 -13.32
N MET A 145 17.99 2.22 -12.87
CA MET A 145 17.48 3.39 -12.16
C MET A 145 17.35 4.58 -13.11
N LEU A 146 16.29 5.35 -12.93
CA LEU A 146 16.08 6.57 -13.69
C LEU A 146 15.87 7.72 -12.72
N ASP A 147 16.62 8.81 -12.93
CA ASP A 147 16.56 9.99 -12.09
C ASP A 147 15.49 10.93 -12.65
N VAL A 148 14.39 11.08 -11.92
CA VAL A 148 13.36 12.05 -12.28
C VAL A 148 13.47 13.36 -11.50
N ALA A 149 14.38 13.43 -10.54
CA ALA A 149 14.44 14.61 -9.67
C ALA A 149 15.21 15.75 -10.32
N ARG A 150 16.37 15.48 -10.91
CA ARG A 150 17.15 16.53 -11.55
C ARG A 150 16.43 17.06 -12.79
N HIS A 151 15.95 16.15 -13.65
CA HIS A 151 15.11 16.50 -14.79
C HIS A 151 13.87 15.64 -14.72
N PHE A 152 12.71 16.26 -14.54
CA PHE A 152 11.46 15.51 -14.46
C PHE A 152 11.17 14.84 -15.79
N HIS A 153 11.26 13.51 -15.82
CA HIS A 153 10.97 12.75 -17.01
C HIS A 153 9.51 12.31 -16.99
N PRO A 154 8.72 12.64 -18.01
CA PRO A 154 7.29 12.33 -17.98
C PRO A 154 7.04 10.83 -18.03
N VAL A 155 5.76 10.47 -17.80
CA VAL A 155 5.36 9.08 -17.83
C VAL A 155 5.62 8.46 -19.20
N GLU A 156 5.49 9.26 -20.26
CA GLU A 156 5.69 8.74 -21.61
C GLU A 156 7.12 8.29 -21.84
N THR A 157 8.08 9.14 -21.47
CA THR A 157 9.48 8.78 -21.65
C THR A 157 9.95 7.71 -20.67
N VAL A 158 9.20 7.48 -19.60
CA VAL A 158 9.52 6.43 -18.65
C VAL A 158 8.96 5.09 -19.10
N LYS A 159 7.76 5.09 -19.68
CA LYS A 159 7.19 3.85 -20.21
C LYS A 159 8.07 3.26 -21.30
N ALA A 160 8.58 4.12 -22.20
CA ALA A 160 9.48 3.65 -23.23
C ALA A 160 10.75 3.06 -22.63
N TYR A 161 11.28 3.70 -21.58
CA TYR A 161 12.46 3.17 -20.90
C TYR A 161 12.15 1.86 -20.19
N ILE A 162 10.90 1.65 -19.81
CA ILE A 162 10.51 0.36 -19.23
C ILE A 162 10.58 -0.74 -20.29
N GLY A 163 10.10 -0.45 -21.50
CA GLY A 163 10.18 -1.44 -22.56
C GLY A 163 11.61 -1.68 -23.02
N HIS A 164 12.44 -0.63 -23.07
CA HIS A 164 13.83 -0.79 -23.48
C HIS A 164 14.59 -1.68 -22.51
N ALA A 165 14.44 -1.42 -21.21
CA ALA A 165 15.13 -2.24 -20.21
C ALA A 165 14.58 -3.66 -20.17
N ALA A 166 13.29 -3.83 -20.45
CA ALA A 166 12.69 -5.16 -20.42
C ALA A 166 13.17 -6.01 -21.59
N SER A 167 13.55 -5.38 -22.71
CA SER A 167 14.12 -6.12 -23.83
C SER A 167 15.47 -6.73 -23.49
N LEU A 168 16.10 -6.29 -22.42
CA LEU A 168 17.36 -6.86 -21.94
C LEU A 168 17.16 -7.65 -20.65
N LYS A 169 15.93 -8.13 -20.40
CA LYS A 169 15.62 -9.02 -19.28
C LYS A 169 15.83 -8.35 -17.92
N LEU A 170 15.74 -7.03 -17.87
CA LEU A 170 15.77 -6.32 -16.60
C LEU A 170 14.36 -6.29 -16.02
N ASN A 171 14.27 -6.41 -14.69
CA ASN A 171 12.99 -6.63 -14.04
C ASN A 171 12.75 -5.73 -12.83
N ALA A 172 13.48 -4.62 -12.72
CA ALA A 172 13.33 -3.74 -11.56
C ALA A 172 13.63 -2.31 -11.97
N LEU A 173 12.60 -1.46 -11.96
CA LEU A 173 12.79 -0.04 -12.24
C LEU A 173 12.94 0.71 -10.94
N HIS A 174 14.03 1.47 -10.83
CA HIS A 174 14.37 2.24 -9.64
C HIS A 174 14.13 3.71 -9.96
N LEU A 175 13.15 4.31 -9.29
CA LEU A 175 12.79 5.70 -9.54
C LEU A 175 13.40 6.58 -8.46
N HIS A 176 14.26 7.52 -8.86
CA HIS A 176 14.86 8.49 -7.95
C HIS A 176 13.90 9.68 -7.87
N LEU A 177 12.91 9.57 -6.98
CA LEU A 177 11.78 10.48 -6.98
C LEU A 177 12.08 11.84 -6.37
N SER A 178 13.12 11.98 -5.54
CA SER A 178 13.38 13.23 -4.86
C SER A 178 14.86 13.48 -4.74
N ASP A 179 15.24 14.74 -4.74
CA ASP A 179 16.63 15.19 -4.57
C ASP A 179 16.59 16.68 -4.27
N ASP A 180 17.77 17.33 -4.32
CA ASP A 180 17.87 18.75 -4.06
C ASP A 180 17.24 19.60 -5.16
N GLN A 181 16.84 18.99 -6.27
CA GLN A 181 16.35 19.72 -7.43
C GLN A 181 14.84 19.61 -7.63
N GLY A 182 14.16 18.74 -6.89
CA GLY A 182 12.73 18.61 -7.01
C GLY A 182 12.15 17.42 -6.29
N TRP A 183 10.84 17.45 -6.05
CA TRP A 183 10.08 16.35 -5.47
C TRP A 183 9.04 15.91 -6.48
N ARG A 184 9.07 14.62 -6.85
CA ARG A 184 8.37 14.18 -8.05
C ARG A 184 7.17 13.27 -7.81
N ILE A 185 6.91 12.82 -6.58
CA ILE A 185 5.78 11.95 -6.30
C ILE A 185 4.76 12.69 -5.46
N GLU A 186 3.48 12.46 -5.74
CA GLU A 186 2.39 13.17 -5.11
C GLU A 186 1.95 12.45 -3.85
N LEU A 187 2.29 13.02 -2.70
CA LEU A 187 1.80 12.54 -1.41
C LEU A 187 0.72 13.48 -0.90
N HIS A 188 -0.23 12.91 -0.15
CA HIS A 188 -1.31 13.69 0.44
C HIS A 188 -1.18 13.86 1.94
N SER A 189 -0.43 13.00 2.63
CA SER A 189 -0.08 13.25 4.02
C SER A 189 0.91 14.40 4.13
N ARG A 190 1.72 14.62 3.11
CA ARG A 190 2.60 15.77 2.98
C ARG A 190 2.28 16.43 1.64
N PRO A 191 1.14 17.13 1.55
CA PRO A 191 0.68 17.60 0.23
C PRO A 191 1.40 18.84 -0.26
N GLU A 192 2.02 19.63 0.62
CA GLU A 192 2.72 20.82 0.18
C GLU A 192 4.00 20.49 -0.59
N LEU A 193 4.49 19.26 -0.48
CA LEU A 193 5.69 18.86 -1.21
C LEU A 193 5.52 19.06 -2.71
N THR A 194 4.57 18.33 -3.30
CA THR A 194 4.29 18.51 -4.72
C THR A 194 3.72 19.89 -5.03
N ALA A 195 3.24 20.61 -4.02
CA ALA A 195 2.68 21.95 -4.25
C ALA A 195 3.79 22.95 -4.53
N LEU A 196 4.92 22.86 -3.83
CA LEU A 196 5.93 23.90 -3.90
C LEU A 196 7.36 23.38 -4.04
N ALA A 197 7.55 22.07 -4.25
CA ALA A 197 8.89 21.52 -4.42
C ALA A 197 9.09 20.87 -5.78
N SER A 198 8.07 20.86 -6.65
CA SER A 198 8.17 20.26 -7.97
C SER A 198 8.19 21.29 -9.09
N SER A 199 8.33 22.58 -8.76
CA SER A 199 8.23 23.61 -9.78
C SER A 199 9.46 23.63 -10.68
N THR A 200 10.62 23.25 -10.18
CA THR A 200 11.89 23.49 -10.85
C THR A 200 12.52 22.18 -11.31
N ALA A 201 13.60 22.32 -12.08
CA ALA A 201 14.52 21.26 -12.42
C ALA A 201 15.91 21.87 -12.51
N VAL A 202 16.91 21.03 -12.74
CA VAL A 202 18.28 21.54 -12.81
C VAL A 202 18.44 22.40 -14.05
N GLY A 203 19.16 23.51 -13.90
CA GLY A 203 19.38 24.42 -15.01
C GLY A 203 18.18 25.23 -15.44
N GLY A 204 17.21 25.44 -14.55
CA GLY A 204 16.02 26.20 -14.91
C GLY A 204 15.12 25.53 -15.91
N ASP A 205 15.05 24.21 -15.89
CA ASP A 205 14.28 23.41 -16.82
C ASP A 205 12.92 23.07 -16.23
N PRO A 206 11.96 22.64 -17.05
CA PRO A 206 10.61 22.38 -16.54
C PRO A 206 10.60 21.35 -15.42
N GLY A 207 9.78 21.62 -14.41
CA GLY A 207 9.63 20.71 -13.29
C GLY A 207 8.47 19.75 -13.46
N GLY A 208 7.61 19.65 -12.46
CA GLY A 208 6.48 18.75 -12.48
C GLY A 208 6.66 17.58 -11.53
N PHE A 209 5.63 16.73 -11.50
CA PHE A 209 5.62 15.59 -10.59
C PHE A 209 4.68 14.53 -11.15
N TYR A 210 4.80 13.33 -10.62
CA TYR A 210 3.86 12.25 -10.90
C TYR A 210 2.73 12.32 -9.89
N THR A 211 1.50 12.41 -10.39
CA THR A 211 0.37 12.24 -9.49
C THR A 211 0.29 10.79 -9.02
N LYS A 212 -0.41 10.57 -7.91
CA LYS A 212 -0.71 9.22 -7.48
C LYS A 212 -1.39 8.44 -8.61
N ASP A 213 -2.27 9.11 -9.35
CA ASP A 213 -2.89 8.47 -10.51
C ASP A 213 -1.89 8.23 -11.62
N ASP A 214 -0.90 9.12 -11.78
CA ASP A 214 0.15 8.90 -12.78
C ASP A 214 1.15 7.85 -12.31
N TYR A 215 1.29 7.67 -10.99
CA TYR A 215 2.24 6.69 -10.48
C TYR A 215 1.72 5.27 -10.59
N ARG A 216 0.39 5.09 -10.52
CA ARG A 216 -0.18 3.75 -10.72
C ARG A 216 0.01 3.29 -12.16
N GLU A 217 -0.02 4.20 -13.12
CA GLU A 217 0.20 3.83 -14.52
C GLU A 217 1.62 3.33 -14.74
N ILE A 218 2.60 3.88 -14.01
CA ILE A 218 3.97 3.43 -14.17
C ILE A 218 4.15 2.02 -13.63
N VAL A 219 3.57 1.73 -12.46
CA VAL A 219 3.77 0.44 -11.84
C VAL A 219 2.97 -0.65 -12.55
N GLU A 220 1.82 -0.30 -13.13
CA GLU A 220 1.05 -1.28 -13.88
C GLU A 220 1.64 -1.54 -15.25
N TYR A 221 2.26 -0.51 -15.86
CA TYR A 221 2.99 -0.73 -17.09
C TYR A 221 4.23 -1.58 -16.86
N ALA A 222 4.94 -1.33 -15.76
CA ALA A 222 6.11 -2.14 -15.43
C ALA A 222 5.73 -3.57 -15.11
N ALA A 223 4.54 -3.79 -14.53
CA ALA A 223 4.09 -5.13 -14.21
C ALA A 223 3.82 -5.94 -15.49
N SER A 224 3.23 -5.30 -16.50
CA SER A 224 3.01 -5.96 -17.78
C SER A 224 4.33 -6.33 -18.47
N ARG A 225 5.40 -5.61 -18.17
CA ARG A 225 6.74 -5.98 -18.60
C ARG A 225 7.48 -6.78 -17.54
N HIS A 226 6.78 -7.22 -16.50
CA HIS A 226 7.34 -8.04 -15.42
C HIS A 226 8.49 -7.32 -14.71
N MET A 227 8.39 -6.00 -14.61
CA MET A 227 9.33 -5.17 -13.87
C MET A 227 8.67 -4.66 -12.60
N ILE A 228 9.43 -4.58 -11.52
CA ILE A 228 8.96 -3.97 -10.29
C ILE A 228 9.49 -2.55 -10.23
N VAL A 229 8.73 -1.67 -9.57
CA VAL A 229 9.08 -0.26 -9.46
C VAL A 229 9.53 -0.02 -8.03
N VAL A 230 10.81 0.29 -7.86
CA VAL A 230 11.39 0.60 -6.56
C VAL A 230 11.45 2.13 -6.43
N PRO A 231 10.66 2.74 -5.55
CA PRO A 231 10.74 4.19 -5.38
C PRO A 231 11.78 4.59 -4.34
N GLU A 232 12.65 5.52 -4.68
CA GLU A 232 13.65 6.01 -3.74
C GLU A 232 13.33 7.42 -3.30
N ILE A 233 13.42 7.64 -1.99
CA ILE A 233 13.35 8.98 -1.39
C ILE A 233 14.65 9.17 -0.63
N ASP A 234 15.63 9.83 -1.24
CA ASP A 234 16.86 10.15 -0.54
C ASP A 234 16.51 10.99 0.69
N MET A 235 16.78 10.43 1.87
CA MET A 235 16.20 10.94 3.11
C MET A 235 17.14 11.83 3.92
N PRO A 236 18.40 11.43 4.20
CA PRO A 236 19.25 12.29 5.02
C PRO A 236 19.65 13.56 4.28
N SER A 237 20.67 13.46 3.42
CA SER A 237 21.03 14.55 2.52
C SER A 237 20.23 14.41 1.23
N HIS A 238 20.59 15.18 0.22
CA HIS A 238 19.85 15.23 -1.05
C HIS A 238 18.38 15.59 -0.81
N THR A 239 18.16 16.54 0.11
CA THR A 239 16.82 16.86 0.58
C THR A 239 16.57 18.37 0.61
N HIS A 240 17.15 19.11 -0.33
CA HIS A 240 16.94 20.55 -0.34
C HIS A 240 15.51 20.91 -0.74
N ALA A 241 14.92 20.14 -1.65
CA ALA A 241 13.59 20.46 -2.15
C ALA A 241 12.53 20.31 -1.07
N ILE A 242 12.77 19.45 -0.08
CA ILE A 242 11.82 19.25 1.00
C ILE A 242 11.73 20.48 1.87
N GLY A 243 12.84 21.22 2.00
CA GLY A 243 12.82 22.47 2.74
C GLY A 243 12.03 23.57 2.06
N LEU A 244 11.73 23.41 0.77
CA LEU A 244 10.94 24.42 0.07
C LEU A 244 9.51 24.46 0.60
N ALA A 245 8.96 23.30 0.94
CA ALA A 245 7.56 23.16 1.32
C ALA A 245 7.37 22.95 2.81
N TYR A 246 8.20 22.14 3.45
CA TYR A 246 8.21 21.99 4.90
C TYR A 246 9.49 22.62 5.43
N PRO A 247 9.56 23.95 5.51
CA PRO A 247 10.84 24.62 5.78
C PRO A 247 11.43 24.32 7.15
N GLU A 248 10.69 23.68 8.05
CA GLU A 248 11.18 23.41 9.39
C GLU A 248 12.09 22.19 9.47
N LEU A 249 12.29 21.47 8.37
CA LEU A 249 13.01 20.21 8.42
C LEU A 249 14.44 20.28 7.88
N ALA A 250 14.77 21.30 7.09
CA ALA A 250 16.04 21.34 6.38
C ALA A 250 17.09 22.09 7.17
N GLU A 251 18.34 21.66 7.00
CA GLU A 251 19.48 22.34 7.62
C GLU A 251 20.29 23.09 6.58
N ILE A 255 21.80 25.14 4.00
CA ILE A 255 22.75 24.42 3.18
C ILE A 255 24.07 24.23 3.94
N THR A 256 25.10 23.77 3.23
CA THR A 256 26.41 23.55 3.81
C THR A 256 27.47 23.49 2.71
N ASP A 257 27.93 24.65 2.25
CA ASP A 257 28.79 24.72 1.08
C ASP A 257 30.22 24.35 1.43
N PRO A 258 30.83 23.38 0.74
CA PRO A 258 32.25 23.10 0.96
C PRO A 258 33.13 24.15 0.30
N MET A 259 34.40 24.14 0.71
CA MET A 259 35.36 25.09 0.16
C MET A 259 35.59 24.86 -1.34
N ARG A 260 35.40 23.63 -1.81
CA ARG A 260 35.62 23.29 -3.20
C ARG A 260 34.63 24.01 -4.11
N GLU A 261 33.52 23.33 -4.44
CA GLU A 261 32.47 23.89 -5.28
C GLU A 261 32.98 24.28 -6.65
N THR A 262 32.13 24.94 -7.44
CA THR A 262 32.52 25.51 -8.72
C THR A 262 32.11 26.98 -8.74
N ALA A 263 30.82 27.24 -8.55
CA ALA A 263 30.26 28.55 -8.25
C ALA A 263 30.81 29.68 -9.09
N ALA A 264 31.88 30.33 -8.61
CA ALA A 264 32.35 31.56 -9.23
C ALA A 264 32.84 31.34 -10.65
N ALA A 265 33.52 30.21 -10.90
CA ALA A 265 34.08 29.96 -12.22
C ALA A 265 32.99 29.79 -13.26
N THR A 266 31.99 28.94 -12.97
CA THR A 266 30.89 28.71 -13.88
C THR A 266 30.06 29.97 -14.11
N GLY A 267 30.23 30.99 -13.28
CA GLY A 267 29.49 32.24 -13.45
C GLY A 267 28.17 32.22 -12.72
N GLY A 268 28.10 32.91 -11.59
CA GLY A 268 26.96 32.76 -10.71
C GLY A 268 26.88 31.33 -10.22
N ALA A 269 26.33 30.45 -11.05
CA ALA A 269 26.20 29.02 -10.74
C ALA A 269 25.59 28.81 -9.37
N LEU A 270 24.68 29.71 -9.00
CA LEU A 270 23.99 29.90 -7.72
C LEU A 270 24.27 28.80 -6.70
N PRO A 271 24.99 29.10 -5.62
CA PRO A 271 25.11 28.13 -4.53
C PRO A 271 23.75 27.87 -3.89
N GLU A 272 23.70 26.80 -3.10
CA GLU A 272 22.45 26.41 -2.47
C GLU A 272 22.01 27.43 -1.43
N SER A 273 20.71 27.69 -1.38
CA SER A 273 20.14 28.62 -0.42
C SER A 273 18.86 28.05 0.17
N GLY A 274 17.90 28.91 0.50
CA GLY A 274 16.60 28.46 0.96
C GLY A 274 15.57 28.56 -0.16
N THR A 275 16.06 28.54 -1.39
CA THR A 275 15.29 28.72 -2.61
C THR A 275 15.64 27.61 -3.58
N PRO A 276 14.71 27.24 -4.50
CA PRO A 276 14.95 26.10 -5.41
C PRO A 276 16.35 26.04 -6.01
N TYR A 277 17.06 24.94 -5.76
CA TYR A 277 18.42 24.77 -6.25
C TYR A 277 18.41 24.27 -7.68
N LEU A 278 19.03 25.03 -8.58
CA LEU A 278 19.11 24.67 -9.98
C LEU A 278 20.50 24.16 -10.38
N GLY A 279 21.36 23.86 -9.41
CA GLY A 279 22.68 23.36 -9.67
C GLY A 279 22.76 21.84 -9.59
N ILE A 280 23.99 21.33 -9.69
CA ILE A 280 24.25 19.90 -9.74
C ILE A 280 25.09 19.41 -8.57
N GLU A 281 25.54 20.30 -7.69
CA GLU A 281 26.36 19.88 -6.56
C GLU A 281 25.53 19.06 -5.57
N VAL A 282 26.21 18.13 -4.90
CA VAL A 282 25.55 17.16 -4.03
C VAL A 282 26.13 17.28 -2.62
N GLY A 283 25.43 16.68 -1.66
CA GLY A 283 25.92 16.59 -0.31
C GLY A 283 25.94 17.89 0.46
N PHE A 284 25.12 18.86 0.08
CA PHE A 284 25.05 20.13 0.80
C PHE A 284 23.82 20.26 1.67
N SER A 285 22.69 19.68 1.27
CA SER A 285 21.48 19.70 2.06
C SER A 285 21.47 18.54 3.06
N SER A 286 20.57 18.64 4.03
CA SER A 286 20.39 17.60 5.04
C SER A 286 19.13 17.91 5.83
N LEU A 287 18.64 16.91 6.53
CA LEU A 287 17.52 17.06 7.45
C LEU A 287 18.03 17.22 8.88
N LYS A 288 17.26 17.96 9.68
CA LYS A 288 17.56 18.05 11.10
C LYS A 288 17.42 16.68 11.72
N ILE A 289 18.56 16.00 11.92
CA ILE A 289 18.55 14.58 12.24
C ILE A 289 17.97 14.32 13.62
N HIS A 290 18.06 15.27 14.54
CA HIS A 290 17.58 15.08 15.91
C HIS A 290 16.24 15.77 16.16
N ASP A 291 15.58 16.26 15.12
CA ASP A 291 14.25 16.83 15.25
C ASP A 291 13.22 15.74 14.97
N GLU A 292 12.35 15.47 15.95
CA GLU A 292 11.41 14.37 15.83
C GLU A 292 10.39 14.59 14.71
N ALA A 293 10.18 15.83 14.29
CA ALA A 293 9.28 16.07 13.15
C ALA A 293 9.86 15.50 11.87
N THR A 294 11.20 15.39 11.78
CA THR A 294 11.82 14.82 10.59
C THR A 294 11.44 13.36 10.42
N TYR A 295 11.39 12.60 11.52
CA TYR A 295 11.04 11.18 11.42
C TYR A 295 9.53 10.98 11.31
N ASP A 296 8.75 11.80 12.00
CA ASP A 296 7.31 11.81 11.74
C ASP A 296 7.02 12.25 10.32
N PHE A 297 7.94 13.01 9.74
CA PHE A 297 7.83 13.36 8.33
C PHE A 297 8.14 12.14 7.44
N ALA A 298 9.26 11.47 7.72
CA ALA A 298 9.65 10.33 6.92
C ALA A 298 8.67 9.16 7.06
N ALA A 299 8.10 8.98 8.26
CA ALA A 299 7.12 7.92 8.43
C ALA A 299 5.86 8.18 7.61
N ASP A 300 5.42 9.43 7.56
CA ASP A 300 4.23 9.76 6.77
C ASP A 300 4.47 9.58 5.29
N VAL A 301 5.63 10.01 4.80
CA VAL A 301 5.93 9.90 3.37
C VAL A 301 6.16 8.44 2.99
N PHE A 302 6.98 7.73 3.77
CA PHE A 302 7.27 6.33 3.45
C PHE A 302 6.06 5.45 3.72
N GLY A 303 5.22 5.80 4.70
CA GLY A 303 4.00 5.05 4.91
C GLY A 303 3.03 5.19 3.75
N GLU A 304 2.84 6.42 3.26
CA GLU A 304 2.00 6.63 2.10
C GLU A 304 2.64 6.05 0.84
N LEU A 305 3.97 6.13 0.74
CA LEU A 305 4.67 5.59 -0.42
C LEU A 305 4.48 4.08 -0.51
N ALA A 306 4.67 3.37 0.60
CA ALA A 306 4.57 1.92 0.59
C ALA A 306 3.19 1.45 0.13
N GLY A 307 2.14 2.22 0.47
CA GLY A 307 0.81 1.87 0.03
C GLY A 307 0.61 1.95 -1.47
N MET A 308 1.44 2.73 -2.17
CA MET A 308 1.34 2.91 -3.61
C MET A 308 2.19 1.92 -4.39
N THR A 309 3.08 1.19 -3.74
CA THR A 309 4.00 0.28 -4.43
C THR A 309 3.74 -1.16 -4.00
N PRO A 310 3.19 -2.00 -4.89
CA PRO A 310 3.07 -3.43 -4.55
C PRO A 310 4.40 -4.15 -4.48
N GLY A 311 5.48 -3.55 -5.00
CA GLY A 311 6.79 -4.13 -4.94
C GLY A 311 7.31 -4.22 -3.52
N PRO A 312 8.24 -5.15 -3.27
CA PRO A 312 8.71 -5.38 -1.90
C PRO A 312 9.68 -4.33 -1.37
N TYR A 313 10.16 -3.41 -2.20
CA TYR A 313 11.27 -2.56 -1.85
C TYR A 313 10.86 -1.09 -1.74
N LEU A 314 11.34 -0.45 -0.67
CA LEU A 314 11.26 1.00 -0.51
C LEU A 314 12.67 1.51 -0.25
N HIS A 315 13.22 2.27 -1.17
CA HIS A 315 14.60 2.73 -1.10
C HIS A 315 14.66 4.02 -0.31
N LEU A 316 15.39 3.99 0.81
CA LEU A 316 15.47 5.13 1.72
C LEU A 316 16.65 6.06 1.41
N GLY A 317 17.64 5.58 0.66
CA GLY A 317 18.77 6.42 0.30
C GLY A 317 20.01 6.19 1.15
N GLY A 318 20.19 7.01 2.18
CA GLY A 318 21.37 6.94 3.02
C GLY A 318 22.49 7.89 2.64
N ASP A 319 22.22 8.87 1.78
CA ASP A 319 23.23 9.86 1.41
C ASP A 319 23.43 10.83 2.57
N GLU A 320 24.66 10.91 3.07
CA GLU A 320 24.98 11.78 4.19
C GLU A 320 25.56 13.09 3.67
N ALA A 321 25.17 14.19 4.31
CA ALA A 321 25.69 15.49 3.94
C ALA A 321 27.16 15.61 4.34
N HIS A 322 27.86 16.53 3.68
CA HIS A 322 29.25 16.78 4.03
C HIS A 322 29.34 17.37 5.43
N GLY A 323 30.27 16.83 6.23
CA GLY A 323 30.43 17.27 7.59
C GLY A 323 29.45 16.68 8.58
N THR A 324 28.56 15.79 8.14
CA THR A 324 27.63 15.16 9.06
C THR A 324 28.35 14.21 10.00
N ALA A 325 27.94 14.21 11.26
CA ALA A 325 28.52 13.29 12.24
C ALA A 325 28.14 11.86 11.89
N GLU A 326 29.12 10.95 11.99
CA GLU A 326 28.87 9.55 11.67
C GLU A 326 27.80 8.96 12.58
N GLU A 327 27.78 9.38 13.85
CA GLU A 327 26.77 8.86 14.77
C GLU A 327 25.38 9.39 14.43
N ASP A 328 25.30 10.64 13.96
CA ASP A 328 24.01 11.22 13.63
C ASP A 328 23.43 10.60 12.36
N PHE A 329 24.25 10.45 11.32
CA PHE A 329 23.80 9.77 10.12
C PHE A 329 23.44 8.32 10.40
N ALA A 330 24.17 7.68 11.33
CA ALA A 330 23.82 6.32 11.71
C ALA A 330 22.47 6.25 12.41
N LEU A 331 22.22 7.21 13.32
CA LEU A 331 20.93 7.22 14.01
C LEU A 331 19.78 7.53 13.07
N PHE A 332 20.03 8.38 12.06
CA PHE A 332 18.98 8.72 11.10
C PHE A 332 18.55 7.49 10.31
N VAL A 333 19.49 6.87 9.60
CA VAL A 333 19.16 5.68 8.81
C VAL A 333 18.73 4.52 9.69
N SER A 334 19.13 4.52 10.97
CA SER A 334 18.61 3.52 11.89
C SER A 334 17.12 3.70 12.13
N ARG A 335 16.64 4.95 12.09
CA ARG A 335 15.23 5.23 12.36
C ARG A 335 14.36 4.98 11.15
N VAL A 336 14.75 5.51 9.98
CA VAL A 336 13.89 5.44 8.81
C VAL A 336 13.80 4.01 8.27
N SER A 337 14.90 3.25 8.36
CA SER A 337 14.87 1.87 7.88
C SER A 337 13.96 1.02 8.74
N THR A 338 13.98 1.24 10.06
CA THR A 338 13.03 0.57 10.95
C THR A 338 11.60 1.01 10.62
N ILE A 339 11.43 2.27 10.23
CA ILE A 339 10.11 2.76 9.82
C ILE A 339 9.64 2.01 8.57
N ILE A 340 10.53 1.88 7.59
CA ILE A 340 10.19 1.14 6.38
C ILE A 340 10.01 -0.35 6.69
N ALA A 341 10.84 -0.88 7.59
CA ALA A 341 10.73 -2.30 7.95
C ALA A 341 9.41 -2.59 8.63
N ASP A 342 8.99 -1.72 9.57
CA ASP A 342 7.71 -1.91 10.25
C ASP A 342 6.51 -1.68 9.34
N LEU A 343 6.73 -1.21 8.12
CA LEU A 343 5.67 -1.02 7.15
C LEU A 343 5.38 -2.29 6.35
N GLY A 344 6.16 -3.35 6.55
CA GLY A 344 6.00 -4.57 5.78
C GLY A 344 6.84 -4.65 4.52
N LYS A 345 7.75 -3.70 4.31
CA LYS A 345 8.58 -3.64 3.13
C LYS A 345 10.05 -3.87 3.49
N THR A 346 10.83 -4.23 2.47
CA THR A 346 12.28 -4.35 2.62
C THR A 346 12.92 -3.01 2.29
N PRO A 347 13.64 -2.39 3.21
CA PRO A 347 14.23 -1.08 2.93
C PRO A 347 15.53 -1.19 2.15
N VAL A 348 15.75 -0.23 1.26
CA VAL A 348 16.94 -0.16 0.43
C VAL A 348 17.66 1.14 0.72
N ALA A 349 19.00 1.10 0.71
CA ALA A 349 19.81 2.27 0.98
C ALA A 349 21.11 2.17 0.20
N TRP A 350 21.84 3.27 0.15
CA TRP A 350 23.17 3.26 -0.43
C TRP A 350 24.17 2.67 0.56
N HIS A 351 25.28 2.17 0.01
CA HIS A 351 26.23 1.42 0.84
C HIS A 351 26.88 2.29 1.92
N GLU A 352 26.83 3.61 1.78
CA GLU A 352 27.42 4.51 2.76
C GLU A 352 26.68 4.51 4.09
N ALA A 353 25.58 3.76 4.21
CA ALA A 353 24.80 3.70 5.45
C ALA A 353 24.98 2.36 6.17
N GLY A 354 26.13 1.72 5.98
CA GLY A 354 26.38 0.39 6.51
C GLY A 354 27.01 0.34 7.87
N ASP A 355 27.66 1.43 8.27
CA ASP A 355 28.23 1.50 9.61
C ASP A 355 27.17 1.65 10.69
N ALA A 356 25.92 1.89 10.31
CA ALA A 356 24.85 2.15 11.27
C ALA A 356 24.56 0.92 12.13
N GLY A 357 23.90 1.16 13.25
CA GLY A 357 23.53 0.09 14.17
C GLY A 357 22.08 -0.32 14.04
N GLY A 358 21.31 0.43 13.25
CA GLY A 358 19.92 0.11 13.02
C GLY A 358 19.71 -0.68 11.74
N LEU A 359 18.44 -0.97 11.47
CA LEU A 359 17.98 -1.76 10.32
C LEU A 359 18.42 -3.22 10.41
N ALA A 360 17.61 -4.12 9.86
CA ALA A 360 17.92 -5.54 9.82
C ALA A 360 17.48 -6.08 8.47
N GLY A 361 18.43 -6.65 7.72
CA GLY A 361 18.10 -7.20 6.42
C GLY A 361 17.90 -6.17 5.33
N ALA A 362 18.44 -4.97 5.50
CA ALA A 362 18.25 -3.92 4.52
C ALA A 362 19.06 -4.20 3.25
N THR A 363 18.48 -3.85 2.11
CA THR A 363 19.08 -4.06 0.79
C THR A 363 19.84 -2.79 0.37
N VAL A 364 20.84 -2.96 -0.50
CA VAL A 364 21.82 -1.92 -0.76
C VAL A 364 22.11 -1.78 -2.24
N GLY A 365 22.31 -0.55 -2.69
CA GLY A 365 22.99 -0.28 -3.94
C GLY A 365 24.40 0.22 -3.71
N GLN A 366 25.39 -0.67 -3.77
CA GLN A 366 26.78 -0.24 -3.72
C GLN A 366 27.11 0.56 -4.97
N TYR A 367 27.58 1.79 -4.78
CA TYR A 367 27.79 2.71 -5.90
C TYR A 367 29.25 3.07 -6.12
N TRP A 368 30.17 2.56 -5.30
CA TRP A 368 31.57 2.89 -5.45
C TRP A 368 32.21 2.08 -6.57
N GLY A 369 33.44 2.47 -6.93
CA GLY A 369 34.11 1.85 -8.05
C GLY A 369 34.32 0.35 -7.85
N TYR A 370 34.51 -0.34 -8.98
CA TYR A 370 34.70 -1.78 -8.98
C TYR A 370 35.95 -2.21 -8.22
N VAL A 371 36.84 -1.27 -7.89
CA VAL A 371 38.04 -1.58 -7.13
C VAL A 371 37.89 -1.26 -5.65
N THR A 372 36.74 -0.73 -5.24
CA THR A 372 36.40 -0.43 -3.84
C THR A 372 37.41 0.55 -3.24
N PRO A 373 37.18 1.86 -3.39
CA PRO A 373 38.21 2.83 -2.98
C PRO A 373 37.95 3.55 -1.66
N THR A 374 37.92 4.89 -1.73
CA THR A 374 38.08 5.78 -0.60
C THR A 374 37.07 5.58 0.52
N ASP A 375 37.46 4.76 1.52
CA ASP A 375 36.82 4.47 2.80
C ASP A 375 36.83 2.97 3.04
N GLY A 376 35.98 2.51 3.95
CA GLY A 376 35.66 1.10 4.02
C GLY A 376 34.45 0.84 3.16
N MET A 377 34.42 1.45 1.97
CA MET A 377 33.24 1.36 1.10
C MET A 377 32.90 -0.09 0.80
N ASP A 378 33.91 -0.95 0.66
CA ASP A 378 33.64 -2.38 0.60
C ASP A 378 33.29 -2.93 1.99
N ASP A 379 34.03 -2.49 3.01
CA ASP A 379 33.77 -2.96 4.37
C ASP A 379 32.42 -2.48 4.88
N ARG A 380 32.08 -1.22 4.60
CA ARG A 380 30.77 -0.70 5.01
C ARG A 380 29.64 -1.40 4.29
N ALA A 381 29.85 -1.80 3.03
CA ALA A 381 28.83 -2.57 2.32
C ALA A 381 28.75 -3.99 2.84
N ARG A 382 29.87 -4.58 3.26
CA ARG A 382 29.86 -5.92 3.81
C ARG A 382 29.19 -5.99 5.18
N GLY A 383 29.02 -4.84 5.84
CA GLY A 383 28.27 -4.82 7.08
C GLY A 383 26.80 -5.09 6.90
N PHE A 384 26.26 -4.76 5.71
CA PHE A 384 24.88 -5.11 5.42
C PHE A 384 24.70 -6.62 5.33
N VAL A 385 25.72 -7.34 4.88
CA VAL A 385 25.64 -8.79 4.83
C VAL A 385 25.74 -9.37 6.24
N SER A 386 26.49 -8.73 7.13
CA SER A 386 26.51 -9.12 8.53
C SER A 386 25.16 -8.93 9.19
N ASN A 387 24.35 -8.04 8.65
CA ASN A 387 23.06 -7.68 9.23
C ASN A 387 21.92 -8.57 8.74
N GLY A 388 22.15 -9.37 7.71
CA GLY A 388 21.12 -10.23 7.18
C GLY A 388 20.51 -9.80 5.87
N GLY A 389 21.14 -8.89 5.13
CA GLY A 389 20.64 -8.42 3.86
C GLY A 389 21.55 -8.80 2.71
N GLN A 390 21.15 -8.35 1.52
CA GLN A 390 21.88 -8.63 0.30
C GLN A 390 22.35 -7.33 -0.33
N LEU A 391 23.25 -7.47 -1.29
CA LEU A 391 23.84 -6.33 -2.00
C LEU A 391 23.31 -6.28 -3.43
N ILE A 392 22.91 -5.10 -3.86
CA ILE A 392 22.82 -4.77 -5.28
C ILE A 392 24.02 -3.91 -5.61
N LEU A 393 24.82 -4.32 -6.58
CA LEU A 393 26.05 -3.63 -6.91
C LEU A 393 25.85 -2.77 -8.14
N SER A 394 26.18 -1.49 -8.02
CA SER A 394 26.08 -0.53 -9.11
C SER A 394 27.35 0.32 -9.14
N PRO A 395 28.46 -0.26 -9.61
CA PRO A 395 29.74 0.47 -9.55
C PRO A 395 29.71 1.71 -10.42
N ALA A 396 30.13 2.83 -9.82
CA ALA A 396 30.09 4.11 -10.53
C ALA A 396 30.98 4.09 -11.76
N ASP A 397 32.23 3.63 -11.62
CA ASP A 397 33.13 3.56 -12.75
C ASP A 397 32.65 2.58 -13.81
N ALA A 398 31.85 1.59 -13.42
CA ALA A 398 31.39 0.55 -14.35
C ALA A 398 30.01 0.86 -14.92
N ILE A 399 28.99 0.87 -14.09
CA ILE A 399 27.61 0.76 -14.55
C ILE A 399 26.84 2.07 -14.50
N TYR A 400 27.45 3.15 -14.01
CA TYR A 400 26.78 4.45 -13.99
C TYR A 400 26.57 4.93 -15.43
N LEU A 401 25.33 4.83 -15.91
CA LEU A 401 25.02 5.17 -17.30
C LEU A 401 25.04 6.66 -17.58
N ASP A 402 25.02 7.50 -16.55
CA ASP A 402 25.15 8.94 -16.72
C ASP A 402 26.60 9.40 -16.84
N MET A 403 27.56 8.46 -16.82
CA MET A 403 28.95 8.83 -16.92
C MET A 403 29.35 9.03 -18.38
N LYS A 404 30.11 10.09 -18.64
CA LYS A 404 30.50 10.46 -19.99
C LYS A 404 31.15 9.29 -20.72
N TYR A 405 30.96 9.26 -22.05
CA TYR A 405 31.74 8.35 -22.88
C TYR A 405 33.12 8.95 -23.10
N PRO A 406 34.16 8.12 -23.19
CA PRO A 406 35.47 8.66 -23.59
C PRO A 406 35.50 9.10 -25.04
N THR A 407 34.68 8.49 -25.90
CA THR A 407 34.64 8.86 -27.31
C THR A 407 34.18 10.32 -27.47
N GLY A 408 32.92 10.58 -27.14
CA GLY A 408 32.45 11.95 -27.05
C GLY A 408 31.08 12.20 -27.67
N PRO A 409 30.00 11.86 -26.93
CA PRO A 409 28.67 12.34 -27.32
C PRO A 409 28.17 13.43 -26.40
N ASP A 410 29.12 14.17 -25.80
CA ASP A 410 28.89 15.43 -25.09
C ASP A 410 28.42 15.26 -23.65
N LEU A 411 27.13 15.05 -23.44
CA LEU A 411 26.58 15.14 -22.09
C LEU A 411 27.03 13.96 -21.23
N GLY A 412 26.76 14.08 -19.93
CA GLY A 412 27.20 13.11 -18.94
C GLY A 412 28.21 13.70 -17.97
N LEU A 413 28.66 12.85 -17.06
CA LEU A 413 29.61 13.24 -16.03
C LEU A 413 30.85 12.36 -16.11
N SER A 414 31.87 12.75 -15.35
CA SER A 414 33.13 12.01 -15.33
C SER A 414 33.73 11.94 -13.93
N TRP A 415 32.92 12.10 -12.89
CA TRP A 415 33.44 12.23 -11.53
C TRP A 415 33.98 10.92 -10.97
N ALA A 416 33.71 9.77 -11.60
CA ALA A 416 34.23 8.51 -11.10
C ALA A 416 35.74 8.48 -11.20
N ASN A 417 36.27 7.88 -12.26
CA ASN A 417 37.69 7.94 -12.60
C ASN A 417 37.84 8.29 -14.07
N GLY A 418 37.10 9.31 -14.50
CA GLY A 418 37.06 9.71 -15.89
C GLY A 418 35.82 9.19 -16.57
N PRO A 419 35.73 9.40 -17.89
CA PRO A 419 34.63 8.81 -18.65
C PRO A 419 34.68 7.29 -18.62
N THR A 420 33.53 6.68 -18.89
CA THR A 420 33.37 5.23 -18.82
C THR A 420 33.20 4.70 -20.24
N SER A 421 34.17 3.91 -20.70
CA SER A 421 34.05 3.23 -21.98
C SER A 421 33.08 2.06 -21.85
N VAL A 422 32.51 1.66 -22.99
CA VAL A 422 31.64 0.49 -23.02
C VAL A 422 32.40 -0.74 -22.51
N GLN A 423 33.69 -0.82 -22.82
CA GLN A 423 34.51 -1.92 -22.31
C GLN A 423 34.64 -1.83 -20.80
N ARG A 424 34.94 -0.63 -20.28
CA ARG A 424 35.07 -0.46 -18.84
C ARG A 424 33.76 -0.72 -18.12
N ALA A 425 32.62 -0.43 -18.77
CA ALA A 425 31.33 -0.79 -18.20
C ALA A 425 31.12 -2.29 -18.13
N TYR A 426 31.90 -3.06 -18.90
CA TYR A 426 31.83 -4.51 -18.91
C TYR A 426 32.99 -5.18 -18.19
N ASP A 427 34.07 -4.44 -17.92
CA ASP A 427 35.30 -5.00 -17.36
C ASP A 427 35.17 -5.20 -15.85
N TRP A 428 34.21 -6.03 -15.46
CA TRP A 428 34.00 -6.31 -14.03
C TRP A 428 33.14 -7.55 -13.87
N GLU A 429 33.33 -8.23 -12.74
CA GLU A 429 32.55 -9.40 -12.37
C GLU A 429 31.78 -9.08 -11.09
N PRO A 430 30.44 -9.24 -11.08
CA PRO A 430 29.68 -8.93 -9.86
C PRO A 430 30.13 -9.70 -8.63
N SER A 431 30.82 -10.82 -8.79
CA SER A 431 31.28 -11.61 -7.65
C SER A 431 32.62 -11.13 -7.11
N THR A 432 33.59 -10.85 -8.00
CA THR A 432 34.92 -10.48 -7.55
C THR A 432 34.94 -9.07 -6.98
N VAL A 433 34.29 -8.12 -7.65
CA VAL A 433 34.20 -6.76 -7.16
C VAL A 433 33.44 -6.69 -5.84
N ILE A 434 32.60 -7.69 -5.56
CA ILE A 434 31.86 -7.76 -4.32
C ILE A 434 32.85 -8.02 -3.19
N PRO A 435 33.06 -7.04 -2.28
CA PRO A 435 34.12 -7.10 -1.26
C PRO A 435 34.75 -8.45 -0.98
N GLY A 436 34.14 -9.23 -0.10
CA GLY A 436 34.64 -10.55 0.22
C GLY A 436 33.54 -11.43 0.75
N ILE A 437 32.45 -11.52 0.00
CA ILE A 437 31.22 -12.17 0.46
C ILE A 437 31.00 -13.46 -0.32
N ASP A 438 29.75 -13.73 -0.68
CA ASP A 438 29.38 -14.85 -1.54
C ASP A 438 28.30 -14.38 -2.49
N ASP A 439 28.23 -15.04 -3.65
CA ASP A 439 27.26 -14.65 -4.67
C ASP A 439 25.82 -14.77 -4.17
N ALA A 440 25.58 -15.62 -3.16
CA ALA A 440 24.25 -15.72 -2.57
C ALA A 440 23.88 -14.47 -1.77
N ASP A 441 24.87 -13.68 -1.36
CA ASP A 441 24.62 -12.43 -0.64
C ASP A 441 24.47 -11.24 -1.58
N ILE A 442 24.38 -11.47 -2.88
CA ILE A 442 24.21 -10.43 -3.88
C ILE A 442 22.78 -10.51 -4.40
N LEU A 443 21.97 -9.50 -4.08
CA LEU A 443 20.60 -9.49 -4.58
C LEU A 443 20.58 -9.29 -6.09
N GLY A 444 21.47 -8.45 -6.62
CA GLY A 444 21.57 -8.36 -8.07
C GLY A 444 22.34 -7.15 -8.55
N VAL A 445 21.92 -6.64 -9.69
CA VAL A 445 22.64 -5.60 -10.42
C VAL A 445 21.69 -4.46 -10.75
N GLU A 446 22.15 -3.23 -10.55
CA GLU A 446 21.41 -2.03 -10.88
C GLU A 446 22.28 -1.13 -11.75
N ALA A 447 21.66 -0.50 -12.74
CA ALA A 447 22.33 0.41 -13.67
C ALA A 447 21.74 1.81 -13.50
N PRO A 448 22.31 2.63 -12.62
CA PRO A 448 21.73 3.96 -12.37
C PRO A 448 22.04 4.94 -13.50
N LEU A 449 21.01 5.66 -13.93
CA LEU A 449 21.15 6.78 -14.87
C LEU A 449 20.68 8.04 -14.15
N TRP A 450 21.63 8.88 -13.77
CA TRP A 450 21.32 10.16 -13.14
C TRP A 450 21.09 11.21 -14.22
N SER A 451 20.18 12.14 -13.94
CA SER A 451 19.66 13.06 -14.94
C SER A 451 20.12 14.50 -14.72
N GLU A 452 21.37 14.70 -14.30
CA GLU A 452 21.88 16.06 -14.17
C GLU A 452 22.06 16.72 -15.53
N THR A 453 22.40 15.95 -16.57
CA THR A 453 22.64 16.46 -17.89
C THR A 453 21.65 15.97 -18.93
N LEU A 454 20.74 15.08 -18.55
CA LEU A 454 19.85 14.41 -19.49
C LEU A 454 18.46 15.01 -19.39
N ARG A 455 18.01 15.63 -20.48
CA ARG A 455 16.76 16.37 -20.50
C ARG A 455 15.76 15.86 -21.54
N SER A 456 16.10 14.81 -22.28
CA SER A 456 15.22 14.26 -23.29
C SER A 456 15.27 12.73 -23.23
N LEU A 457 14.27 12.10 -23.82
CA LEU A 457 14.31 10.65 -23.98
C LEU A 457 15.46 10.24 -24.89
N ASP A 458 15.70 11.03 -25.95
CA ASP A 458 16.86 10.79 -26.80
C ASP A 458 18.16 10.95 -26.02
N ASP A 459 18.19 11.89 -25.08
CA ASP A 459 19.38 12.04 -24.22
C ASP A 459 19.53 10.85 -23.29
N ILE A 460 18.41 10.31 -22.80
CA ILE A 460 18.46 9.15 -21.92
C ILE A 460 19.05 7.95 -22.65
N GLU A 461 18.59 7.72 -23.88
CA GLU A 461 19.03 6.52 -24.61
C GLU A 461 20.45 6.67 -25.15
N THR A 462 20.89 7.89 -25.41
CA THR A 462 22.25 8.09 -25.91
C THR A 462 23.30 7.64 -24.89
N MET A 463 22.96 7.67 -23.60
CA MET A 463 23.87 7.28 -22.53
C MET A 463 23.52 5.96 -21.89
N ALA A 464 22.22 5.70 -21.67
CA ALA A 464 21.82 4.44 -21.06
C ALA A 464 22.33 3.25 -21.84
N PHE A 465 22.11 3.26 -23.16
CA PHE A 465 22.37 2.04 -23.93
C PHE A 465 23.87 1.89 -24.23
N PRO A 466 24.26 1.26 -25.35
CA PRO A 466 25.35 0.28 -25.27
C PRO A 466 25.60 -0.30 -23.89
N ARG A 467 26.01 0.53 -22.93
CA ARG A 467 26.51 0.05 -21.65
C ARG A 467 25.42 -0.45 -20.72
N ILE A 468 24.13 -0.27 -21.03
CA ILE A 468 23.11 -0.95 -20.24
C ILE A 468 23.07 -2.44 -20.58
N ALA A 469 23.55 -2.82 -21.76
CA ALA A 469 23.70 -4.23 -22.06
C ALA A 469 24.74 -4.87 -21.15
N ALA A 470 25.80 -4.14 -20.83
CA ALA A 470 26.77 -4.63 -19.85
C ALA A 470 26.14 -4.78 -18.48
N ALA A 471 25.09 -4.01 -18.20
CA ALA A 471 24.34 -4.19 -16.95
C ALA A 471 23.53 -5.49 -17.00
N ALA A 472 22.74 -5.67 -18.05
CA ALA A 472 21.97 -6.89 -18.20
C ALA A 472 22.86 -8.12 -18.29
N GLU A 473 24.04 -7.98 -18.90
CA GLU A 473 24.99 -9.09 -18.95
C GLU A 473 25.45 -9.47 -17.55
N ALA A 474 25.87 -8.47 -16.76
CA ALA A 474 26.27 -8.75 -15.39
C ALA A 474 25.11 -9.25 -14.55
N ALA A 475 23.89 -8.79 -14.85
CA ALA A 475 22.73 -9.18 -14.07
C ALA A 475 22.23 -10.57 -14.46
N TRP A 476 21.90 -10.74 -15.74
CA TRP A 476 21.26 -11.98 -16.20
C TRP A 476 22.28 -13.10 -16.41
N SER A 477 23.29 -12.84 -17.24
CA SER A 477 24.19 -13.88 -17.71
C SER A 477 25.03 -14.45 -16.57
N PRO A 478 25.62 -15.64 -16.75
CA PRO A 478 26.43 -16.25 -15.69
C PRO A 478 27.68 -15.44 -15.33
N ALA A 479 28.50 -15.98 -14.44
CA ALA A 479 29.72 -15.30 -14.04
C ALA A 479 30.77 -15.42 -15.14
N THR A 480 31.91 -14.77 -14.93
CA THR A 480 33.00 -14.81 -15.89
C THR A 480 33.87 -16.05 -15.70
N ASP A 484 31.33 -18.77 -20.12
CA ASP A 484 30.42 -18.68 -21.27
C ASP A 484 30.92 -17.66 -22.28
N LEU A 485 29.98 -17.00 -22.96
CA LEU A 485 30.31 -15.97 -23.93
C LEU A 485 30.57 -14.65 -23.21
N ARG A 486 30.86 -14.71 -21.92
CA ARG A 486 30.99 -13.52 -21.08
C ARG A 486 32.43 -13.02 -21.07
N THR A 487 32.93 -12.72 -22.27
CA THR A 487 34.20 -12.06 -22.45
C THR A 487 33.98 -10.77 -23.24
N TRP A 488 34.94 -9.85 -23.12
CA TRP A 488 34.81 -8.57 -23.82
C TRP A 488 34.80 -8.76 -25.33
N GLU A 489 35.54 -9.75 -25.83
CA GLU A 489 35.60 -9.98 -27.27
C GLU A 489 34.25 -10.47 -27.81
N SER A 490 33.54 -11.28 -27.02
CA SER A 490 32.24 -11.78 -27.46
C SER A 490 31.14 -10.77 -27.25
N PHE A 491 31.15 -10.06 -26.12
CA PHE A 491 30.15 -9.03 -25.87
C PHE A 491 30.16 -7.98 -26.97
N ARG A 492 31.35 -7.44 -27.26
CA ARG A 492 31.48 -6.43 -28.31
C ARG A 492 30.99 -6.92 -29.67
N ALA A 493 30.91 -8.24 -29.87
CA ALA A 493 30.38 -8.76 -31.12
C ALA A 493 28.86 -8.93 -31.08
N ARG A 494 28.32 -9.37 -29.94
CA ARG A 494 26.91 -9.66 -29.86
C ARG A 494 26.06 -8.38 -29.73
N VAL A 495 26.50 -7.44 -28.90
CA VAL A 495 25.75 -6.18 -28.77
C VAL A 495 25.93 -5.31 -30.01
N GLY A 496 26.98 -5.53 -30.80
CA GLY A 496 27.11 -4.86 -32.08
C GLY A 496 26.21 -5.40 -33.16
N ALA A 497 25.80 -6.66 -33.06
CA ALA A 497 24.85 -7.23 -34.01
C ALA A 497 23.42 -6.76 -33.76
N LEU A 498 23.11 -6.32 -32.54
CA LEU A 498 21.78 -5.82 -32.21
C LEU A 498 21.58 -4.37 -32.60
N GLY A 499 22.56 -3.74 -33.25
CA GLY A 499 22.44 -2.38 -33.72
C GLY A 499 21.23 -2.16 -34.61
N PRO A 500 21.11 -2.95 -35.69
CA PRO A 500 19.87 -2.90 -36.48
C PRO A 500 18.63 -3.18 -35.67
N LEU A 501 18.70 -4.13 -34.73
CA LEU A 501 17.55 -4.41 -33.87
C LEU A 501 17.27 -3.22 -32.94
N TRP A 502 18.32 -2.61 -32.40
CA TRP A 502 18.12 -1.43 -31.56
C TRP A 502 17.60 -0.25 -32.38
N THR A 503 18.07 -0.11 -33.62
CA THR A 503 17.58 0.95 -34.49
C THR A 503 16.13 0.70 -34.90
N SER A 504 15.70 -0.56 -34.95
CA SER A 504 14.35 -0.88 -35.38
C SER A 504 13.33 -0.56 -34.28
N LEU A 505 13.70 -0.77 -33.02
CA LEU A 505 12.83 -0.48 -31.89
C LEU A 505 12.77 1.01 -31.56
N GLY A 506 13.35 1.86 -32.41
CA GLY A 506 13.43 3.28 -32.13
C GLY A 506 14.42 3.67 -31.05
N ILE A 507 15.22 2.73 -30.55
CA ILE A 507 16.16 3.03 -29.49
C ILE A 507 17.33 3.81 -30.07
N GLY A 508 17.48 5.06 -29.63
CA GLY A 508 18.54 5.92 -30.13
C GLY A 508 19.85 5.75 -29.38
N PHE A 509 20.40 4.54 -29.44
CA PHE A 509 21.67 4.26 -28.78
C PHE A 509 22.79 5.08 -29.41
N HIS A 510 23.86 5.29 -28.63
CA HIS A 510 24.99 6.02 -29.17
C HIS A 510 26.00 5.05 -29.79
N PRO A 511 26.43 5.29 -31.03
CA PRO A 511 27.44 4.41 -31.62
C PRO A 511 28.84 4.64 -31.06
N SER A 512 29.19 3.90 -30.01
CA SER A 512 30.53 3.96 -29.46
C SER A 512 31.53 3.37 -30.45
N GLY A 513 32.58 4.12 -30.75
CA GLY A 513 33.57 3.68 -31.72
C GLY A 513 34.32 2.42 -31.34
N GLU A 514 34.17 1.94 -30.10
CA GLU A 514 34.87 0.75 -29.64
C GLU A 514 34.32 -0.55 -30.20
N ILE A 515 33.28 -0.51 -31.03
CA ILE A 515 32.54 -1.71 -31.41
C ILE A 515 31.99 -1.54 -32.81
N ASP A 516 31.93 -2.64 -33.55
CA ASP A 516 31.47 -2.65 -34.93
C ASP A 516 29.99 -3.04 -34.99
N TRP A 517 29.20 -2.24 -35.69
CA TRP A 517 27.77 -2.47 -35.84
C TRP A 517 27.44 -2.96 -37.25
N ALA A 518 26.15 -3.15 -37.50
CA ALA A 518 25.68 -3.66 -38.78
C ALA A 518 24.75 -2.66 -39.45
N PRO B 18 -13.27 24.71 34.55
CA PRO B 18 -13.01 23.31 34.21
C PRO B 18 -14.22 22.63 33.60
N LEU B 19 -14.37 22.73 32.28
CA LEU B 19 -15.52 22.15 31.61
C LEU B 19 -15.51 20.63 31.81
N PRO B 20 -16.60 20.04 32.31
CA PRO B 20 -16.61 18.60 32.57
C PRO B 20 -16.43 17.79 31.28
N ALA B 21 -15.41 16.93 31.28
CA ALA B 21 -15.08 16.17 30.09
C ALA B 21 -16.12 15.09 29.82
N VAL B 22 -16.60 15.05 28.59
CA VAL B 22 -17.60 14.07 28.15
C VAL B 22 -17.36 13.77 26.67
N VAL B 23 -17.24 12.48 26.34
CA VAL B 23 -16.99 12.05 24.96
C VAL B 23 -18.05 11.02 24.57
N PRO B 24 -18.72 11.16 23.42
CA PRO B 24 -18.56 12.20 22.39
C PRO B 24 -18.97 13.59 22.86
N ALA B 25 -18.36 14.62 22.27
CA ALA B 25 -18.64 15.99 22.65
C ALA B 25 -20.12 16.30 22.44
N PRO B 26 -20.84 16.75 23.47
CA PRO B 26 -22.27 17.02 23.32
C PRO B 26 -22.53 18.17 22.36
N ALA B 27 -23.79 18.26 21.92
CA ALA B 27 -24.18 19.33 21.01
C ALA B 27 -24.07 20.68 21.69
N ALA B 28 -24.63 20.80 22.89
CA ALA B 28 -24.56 22.03 23.69
C ALA B 28 -24.25 21.66 25.13
N ILE B 29 -23.15 22.20 25.65
CA ILE B 29 -22.75 21.95 27.03
C ILE B 29 -22.37 23.27 27.67
N GLU B 30 -22.79 23.46 28.92
CA GLU B 30 -22.52 24.69 29.65
C GLU B 30 -22.56 24.39 31.15
N GLN B 31 -21.65 25.03 31.88
CA GLN B 31 -21.60 24.84 33.32
C GLN B 31 -22.80 25.53 33.99
N ALA B 32 -23.05 25.16 35.24
CA ALA B 32 -24.11 25.73 36.03
C ALA B 32 -23.54 26.65 37.10
N THR B 33 -24.43 27.44 37.71
CA THR B 33 -24.02 28.50 38.62
C THR B 33 -23.57 27.98 39.98
N GLY B 34 -24.23 26.94 40.49
CA GLY B 34 -24.07 26.53 41.88
C GLY B 34 -23.06 25.42 42.07
N ALA B 35 -23.20 24.72 43.24
CA ALA B 35 -22.38 23.63 43.74
C ALA B 35 -22.81 22.30 43.12
N PRO B 36 -21.86 21.39 42.91
CA PRO B 36 -22.18 20.14 42.20
C PRO B 36 -22.98 19.15 43.03
N PHE B 37 -23.12 17.92 42.52
CA PHE B 37 -24.00 16.91 43.11
C PHE B 37 -23.15 15.87 43.85
N ARG B 38 -23.39 15.77 45.16
CA ARG B 38 -22.70 14.77 45.98
C ARG B 38 -23.47 13.45 45.92
N LEU B 39 -22.80 12.39 45.48
CA LEU B 39 -23.43 11.08 45.35
C LEU B 39 -23.33 10.28 46.65
N ALA B 49 -36.84 3.13 34.60
CA ALA B 49 -37.11 1.75 34.26
C ALA B 49 -35.82 0.95 34.19
N ASP B 50 -35.52 0.41 33.00
CA ASP B 50 -34.28 -0.33 32.79
C ASP B 50 -33.08 0.58 32.55
N ALA B 51 -33.31 1.84 32.17
CA ALA B 51 -32.20 2.77 32.05
C ALA B 51 -31.56 3.05 33.40
N ALA B 52 -32.33 2.91 34.49
CA ALA B 52 -31.75 3.03 35.83
C ALA B 52 -30.76 1.90 36.09
N SER B 53 -31.06 0.70 35.59
CA SER B 53 -30.12 -0.41 35.72
C SER B 53 -28.82 -0.12 34.98
N ALA B 54 -28.88 0.64 33.88
CA ALA B 54 -27.67 1.01 33.17
C ALA B 54 -26.80 1.95 34.00
N LEU B 55 -27.40 2.78 34.85
CA LEU B 55 -26.61 3.66 35.72
C LEU B 55 -26.20 2.94 37.00
N SER B 56 -27.10 2.12 37.55
CA SER B 56 -26.74 1.34 38.72
C SER B 56 -25.57 0.41 38.42
N ALA B 57 -25.58 -0.23 37.25
CA ALA B 57 -24.43 -1.01 36.84
C ALA B 57 -23.25 -0.13 36.48
N LEU B 58 -23.50 1.12 36.05
CA LEU B 58 -22.43 2.06 35.80
C LEU B 58 -21.70 2.46 37.08
N LEU B 59 -22.22 2.10 38.25
CA LEU B 59 -21.56 2.40 39.51
C LEU B 59 -20.40 1.44 39.75
N GLU B 60 -19.73 1.04 38.67
CA GLU B 60 -18.44 0.36 38.78
C GLU B 60 -17.30 1.36 38.92
N ALA B 61 -17.52 2.62 38.51
CA ALA B 61 -16.57 3.68 38.82
C ALA B 61 -16.55 3.97 40.32
N ARG B 62 -17.68 3.80 40.99
CA ARG B 62 -17.76 3.97 42.44
C ARG B 62 -18.84 3.02 42.94
N THR B 63 -18.43 1.96 43.63
CA THR B 63 -19.35 0.95 44.13
C THR B 63 -20.44 1.54 45.01
N GLY B 73 -34.23 10.89 49.18
CA GLY B 73 -32.92 11.34 49.63
C GLY B 73 -32.24 12.26 48.63
N ALA B 74 -31.46 11.67 47.73
CA ALA B 74 -30.73 12.44 46.72
C ALA B 74 -31.55 12.61 45.44
N VAL B 75 -32.12 11.51 44.94
CA VAL B 75 -33.02 11.50 43.79
C VAL B 75 -32.28 11.85 42.50
N ILE B 76 -32.08 10.86 41.65
CA ILE B 76 -31.53 11.06 40.31
C ILE B 76 -32.65 10.73 39.32
N ALA B 77 -33.01 11.71 38.49
CA ALA B 77 -34.19 11.62 37.64
C ALA B 77 -33.81 11.14 36.25
N LEU B 78 -34.38 10.01 35.83
CA LEU B 78 -34.23 9.46 34.49
C LEU B 78 -35.63 9.29 33.91
N ARG B 79 -36.03 10.21 33.03
CA ARG B 79 -37.39 10.22 32.50
C ARG B 79 -37.36 10.26 30.98
N ILE B 80 -38.38 9.64 30.38
CA ILE B 80 -38.58 9.70 28.93
C ILE B 80 -39.72 10.64 28.63
N GLU B 81 -39.40 11.91 28.40
CA GLU B 81 -40.41 12.88 28.01
C GLU B 81 -40.83 12.66 26.56
N GLY B 82 -39.99 13.07 25.63
CA GLY B 82 -40.24 12.84 24.22
C GLY B 82 -40.69 14.11 23.51
N GLY B 83 -40.47 14.12 22.20
CA GLY B 83 -40.86 15.25 21.37
C GLY B 83 -39.70 15.76 20.53
N GLY B 84 -38.49 15.74 21.09
CA GLY B 84 -37.33 16.20 20.39
C GLY B 84 -36.82 15.18 19.39
N PRO B 85 -35.61 15.40 18.87
CA PRO B 85 -35.04 14.47 17.90
C PRO B 85 -34.79 13.10 18.51
N ALA B 86 -34.64 12.11 17.64
CA ALA B 86 -34.42 10.74 18.07
C ALA B 86 -33.00 10.58 18.63
N GLU B 87 -32.87 9.67 19.60
CA GLU B 87 -31.61 9.42 20.31
C GLU B 87 -31.05 10.69 20.93
N SER B 88 -31.93 11.60 21.32
CA SER B 88 -31.54 12.85 21.98
C SER B 88 -31.90 12.79 23.46
N TYR B 89 -31.19 13.60 24.25
CA TYR B 89 -31.46 13.68 25.67
C TYR B 89 -31.11 15.06 26.17
N ALA B 90 -31.54 15.34 27.40
CA ALA B 90 -31.19 16.56 28.11
C ALA B 90 -30.72 16.20 29.51
N LEU B 91 -29.51 16.62 29.85
CA LEU B 91 -28.92 16.36 31.16
C LEU B 91 -28.71 17.69 31.87
N THR B 92 -29.20 17.80 33.10
CA THR B 92 -28.94 18.94 33.97
C THR B 92 -28.62 18.42 35.36
N ALA B 93 -27.53 18.90 35.93
CA ALA B 93 -27.08 18.49 37.24
C ALA B 93 -26.93 19.71 38.14
N ASP B 94 -27.57 19.66 39.31
CA ASP B 94 -27.41 20.67 40.34
C ASP B 94 -27.24 19.94 41.67
N GLU B 95 -27.42 20.65 42.78
CA GLU B 95 -27.37 19.99 44.07
C GLU B 95 -28.75 19.56 44.55
N ALA B 96 -29.82 20.14 44.02
CA ALA B 96 -31.16 19.61 44.30
C ALA B 96 -31.28 18.20 43.76
N SER B 97 -31.07 18.03 42.45
CA SER B 97 -31.15 16.73 41.81
C SER B 97 -30.52 16.82 40.43
N VAL B 98 -30.16 15.66 39.90
CA VAL B 98 -29.69 15.52 38.53
C VAL B 98 -30.82 14.90 37.70
N THR B 99 -31.09 15.49 36.54
CA THR B 99 -32.20 15.07 35.70
C THR B 99 -31.70 14.80 34.29
N VAL B 100 -31.80 13.55 33.86
CA VAL B 100 -31.50 13.15 32.48
C VAL B 100 -32.82 12.83 31.80
N THR B 101 -33.13 13.55 30.73
CA THR B 101 -34.42 13.42 30.05
C THR B 101 -34.16 13.19 28.57
N GLY B 102 -34.46 11.98 28.10
CA GLY B 102 -34.34 11.66 26.69
C GLY B 102 -35.69 11.53 26.01
N ALA B 103 -35.68 11.62 24.67
CA ALA B 103 -36.92 11.45 23.92
C ALA B 103 -37.32 10.00 23.77
N ASP B 104 -36.37 9.07 23.84
CA ASP B 104 -36.60 7.64 23.70
C ASP B 104 -35.87 6.91 24.82
N ALA B 105 -36.01 5.59 24.84
CA ALA B 105 -35.15 4.78 25.69
C ALA B 105 -33.71 4.83 25.21
N ALA B 106 -33.50 5.05 23.91
CA ALA B 106 -32.15 5.21 23.39
C ALA B 106 -31.54 6.54 23.85
N GLY B 107 -32.30 7.63 23.70
CA GLY B 107 -31.80 8.92 24.14
C GLY B 107 -31.45 8.95 25.61
N LEU B 108 -32.33 8.40 26.45
CA LEU B 108 -32.02 8.28 27.87
C LEU B 108 -30.80 7.39 28.08
N PHE B 109 -30.65 6.35 27.26
CA PHE B 109 -29.51 5.46 27.40
C PHE B 109 -28.21 6.14 26.97
N TYR B 110 -28.29 7.18 26.14
CA TYR B 110 -27.09 7.95 25.86
C TYR B 110 -26.87 9.05 26.90
N GLY B 111 -27.93 9.46 27.60
CA GLY B 111 -27.76 10.37 28.71
C GLY B 111 -27.20 9.69 29.95
N VAL B 112 -27.58 8.44 30.20
CA VAL B 112 -26.94 7.77 31.32
C VAL B 112 -25.47 7.53 31.02
N GLN B 113 -25.12 7.35 29.75
CA GLN B 113 -23.71 7.19 29.40
C GLN B 113 -22.93 8.49 29.63
N THR B 114 -23.57 9.64 29.39
CA THR B 114 -22.90 10.91 29.62
C THR B 114 -22.68 11.17 31.10
N LEU B 115 -23.64 10.78 31.94
CA LEU B 115 -23.52 11.03 33.37
C LEU B 115 -22.41 10.18 33.99
N GLY B 116 -22.21 8.96 33.48
CA GLY B 116 -21.09 8.17 33.95
C GLY B 116 -19.76 8.85 33.70
N GLN B 117 -19.60 9.45 32.51
CA GLN B 117 -18.40 10.23 32.22
C GLN B 117 -18.34 11.49 33.07
N LEU B 118 -19.49 12.06 33.42
CA LEU B 118 -19.51 13.26 34.25
C LEU B 118 -19.05 12.97 35.67
N LEU B 119 -19.25 11.75 36.15
CA LEU B 119 -18.93 11.39 37.52
C LEU B 119 -17.47 11.70 37.84
N ALA B 120 -17.27 12.46 38.92
CA ALA B 120 -15.94 12.86 39.34
C ALA B 120 -15.70 12.53 40.81
N ASP B 124 -13.75 15.78 46.72
CA ASP B 124 -13.09 14.70 47.44
C ASP B 124 -13.95 13.44 47.42
N ALA B 125 -15.27 13.63 47.57
CA ALA B 125 -16.20 12.52 47.48
C ALA B 125 -16.51 12.21 46.02
N TRP B 126 -17.57 11.46 45.76
CA TRP B 126 -17.99 11.16 44.40
C TRP B 126 -19.04 12.17 43.97
N VAL B 127 -18.75 12.88 42.88
CA VAL B 127 -19.40 14.14 42.55
C VAL B 127 -19.85 14.12 41.10
N VAL B 128 -20.96 14.82 40.82
CA VAL B 128 -21.41 15.12 39.48
C VAL B 128 -21.39 16.63 39.32
N PRO B 129 -20.62 17.19 38.38
CA PRO B 129 -20.47 18.64 38.30
C PRO B 129 -21.79 19.33 37.97
N ALA B 130 -21.94 20.55 38.50
CA ALA B 130 -23.07 21.40 38.15
C ALA B 130 -23.05 21.65 36.64
N VAL B 131 -23.96 21.02 35.92
CA VAL B 131 -23.85 20.91 34.47
C VAL B 131 -25.24 20.97 33.84
N SER B 132 -25.27 21.26 32.54
CA SER B 132 -26.49 21.21 31.75
C SER B 132 -26.11 20.79 30.34
N ILE B 133 -26.66 19.67 29.88
CA ILE B 133 -26.34 19.11 28.56
C ILE B 133 -27.63 18.94 27.78
N GLU B 134 -27.64 19.42 26.54
CA GLU B 134 -28.68 19.13 25.56
C GLU B 134 -28.00 18.49 24.35
N ASP B 135 -28.28 17.21 24.12
CA ASP B 135 -27.54 16.44 23.14
C ASP B 135 -28.47 15.85 22.09
N ALA B 136 -27.86 15.48 20.95
CA ALA B 136 -28.54 14.87 19.81
C ALA B 136 -27.48 14.36 18.84
N PRO B 137 -27.73 13.25 18.15
CA PRO B 137 -26.70 12.69 17.26
C PRO B 137 -26.65 13.41 15.92
N ARG B 138 -25.45 13.51 15.37
CA ARG B 138 -25.28 14.11 14.06
C ARG B 138 -25.66 13.14 12.94
N PHE B 139 -25.28 11.87 13.08
CA PHE B 139 -25.57 10.85 12.08
C PHE B 139 -26.37 9.72 12.74
N ALA B 140 -27.33 9.18 11.99
CA ALA B 140 -28.19 8.12 12.52
C ALA B 140 -27.48 6.79 12.63
N TYR B 141 -26.46 6.56 11.80
CA TYR B 141 -25.66 5.34 11.84
C TYR B 141 -24.34 5.68 12.51
N ARG B 142 -24.10 5.12 13.69
CA ARG B 142 -22.85 5.31 14.44
C ARG B 142 -22.38 3.92 14.82
N GLY B 143 -21.55 3.33 13.96
CA GLY B 143 -21.28 1.90 14.04
C GLY B 143 -19.87 1.47 14.36
N VAL B 144 -19.75 0.22 14.82
CA VAL B 144 -18.47 -0.43 15.05
C VAL B 144 -18.50 -1.76 14.31
N MET B 145 -17.45 -2.05 13.55
CA MET B 145 -17.36 -3.31 12.84
C MET B 145 -16.42 -4.26 13.56
N LEU B 146 -16.81 -5.53 13.61
CA LEU B 146 -16.03 -6.59 14.22
C LEU B 146 -15.79 -7.67 13.17
N ASP B 147 -14.53 -8.04 12.97
CA ASP B 147 -14.17 -9.17 12.11
C ASP B 147 -14.16 -10.43 12.97
N VAL B 148 -15.19 -11.27 12.81
CA VAL B 148 -15.18 -12.57 13.48
C VAL B 148 -14.65 -13.68 12.60
N ALA B 149 -14.34 -13.39 11.33
CA ALA B 149 -13.90 -14.43 10.42
C ALA B 149 -12.41 -14.72 10.55
N ARG B 150 -11.60 -13.66 10.72
CA ARG B 150 -10.15 -13.86 10.84
C ARG B 150 -9.80 -14.55 12.14
N HIS B 151 -10.35 -14.04 13.25
CA HIS B 151 -10.26 -14.71 14.55
C HIS B 151 -11.66 -14.77 15.14
N PHE B 152 -12.18 -15.98 15.31
CA PHE B 152 -13.55 -16.15 15.77
C PHE B 152 -13.68 -15.61 17.20
N HIS B 153 -14.50 -14.59 17.37
CA HIS B 153 -14.66 -14.01 18.69
C HIS B 153 -15.95 -14.51 19.31
N PRO B 154 -15.90 -15.02 20.54
CA PRO B 154 -17.08 -15.64 21.15
C PRO B 154 -18.14 -14.60 21.49
N VAL B 155 -19.28 -15.12 21.96
CA VAL B 155 -20.41 -14.25 22.32
C VAL B 155 -20.03 -13.32 23.46
N GLU B 156 -19.23 -13.83 24.41
CA GLU B 156 -18.88 -13.03 25.58
C GLU B 156 -18.03 -11.81 25.20
N THR B 157 -16.95 -12.04 24.45
CA THR B 157 -16.10 -10.92 24.03
C THR B 157 -16.81 -10.01 23.05
N VAL B 158 -17.86 -10.48 22.38
CA VAL B 158 -18.67 -9.62 21.53
C VAL B 158 -19.67 -8.83 22.36
N LYS B 159 -20.25 -9.46 23.39
CA LYS B 159 -21.14 -8.75 24.30
C LYS B 159 -20.42 -7.62 25.01
N ALA B 160 -19.18 -7.86 25.44
CA ALA B 160 -18.41 -6.81 26.09
C ALA B 160 -18.17 -5.64 25.15
N TYR B 161 -17.78 -5.93 23.91
CA TYR B 161 -17.56 -4.87 22.92
C TYR B 161 -18.83 -4.09 22.63
N ILE B 162 -19.99 -4.72 22.79
CA ILE B 162 -21.25 -4.02 22.62
C ILE B 162 -21.44 -2.98 23.72
N GLY B 163 -21.17 -3.37 24.97
CA GLY B 163 -21.29 -2.43 26.07
C GLY B 163 -20.27 -1.31 25.99
N HIS B 164 -19.06 -1.62 25.51
CA HIS B 164 -18.03 -0.60 25.38
C HIS B 164 -18.40 0.42 24.31
N ALA B 165 -18.86 -0.05 23.15
CA ALA B 165 -19.24 0.85 22.08
C ALA B 165 -20.48 1.67 22.46
N ALA B 166 -21.38 1.09 23.26
CA ALA B 166 -22.57 1.81 23.68
C ALA B 166 -22.24 2.92 24.66
N SER B 167 -21.14 2.78 25.41
CA SER B 167 -20.71 3.86 26.30
C SER B 167 -20.25 5.08 25.53
N LEU B 168 -19.98 4.94 24.23
CA LEU B 168 -19.64 6.07 23.37
C LEU B 168 -20.79 6.41 22.42
N LYS B 169 -22.01 6.01 22.77
CA LYS B 169 -23.21 6.34 22.01
C LYS B 169 -23.18 5.78 20.59
N LEU B 170 -22.54 4.63 20.41
CA LEU B 170 -22.56 3.93 19.14
C LEU B 170 -23.74 2.97 19.10
N ASN B 171 -24.43 2.92 17.95
CA ASN B 171 -25.71 2.24 17.87
C ASN B 171 -25.78 1.25 16.70
N ALA B 172 -24.65 0.72 16.24
CA ALA B 172 -24.66 -0.23 15.14
C ALA B 172 -23.47 -1.16 15.29
N LEU B 173 -23.74 -2.45 15.50
CA LEU B 173 -22.69 -3.47 15.53
C LEU B 173 -22.65 -4.16 14.17
N HIS B 174 -21.47 -4.15 13.55
CA HIS B 174 -21.26 -4.71 12.22
C HIS B 174 -20.33 -5.91 12.38
N LEU B 175 -20.88 -7.10 12.28
CA LEU B 175 -20.10 -8.32 12.43
C LEU B 175 -19.71 -8.86 11.06
N HIS B 176 -18.40 -9.00 10.83
CA HIS B 176 -17.86 -9.52 9.57
C HIS B 176 -17.82 -11.04 9.69
N LEU B 177 -18.90 -11.68 9.23
CA LEU B 177 -19.12 -13.09 9.54
C LEU B 177 -18.35 -14.05 8.65
N SER B 178 -17.90 -13.62 7.46
CA SER B 178 -17.25 -14.55 6.56
C SER B 178 -16.07 -13.89 5.87
N ASP B 179 -15.04 -14.70 5.61
CA ASP B 179 -13.86 -14.30 4.86
C ASP B 179 -13.15 -15.56 4.39
N ASP B 180 -11.91 -15.40 3.93
CA ASP B 180 -11.13 -16.53 3.42
C ASP B 180 -10.66 -17.48 4.51
N GLN B 181 -10.83 -17.11 5.78
CA GLN B 181 -10.30 -17.88 6.89
C GLN B 181 -11.36 -18.57 7.71
N GLY B 182 -12.64 -18.31 7.47
CA GLY B 182 -13.71 -18.96 8.20
C GLY B 182 -15.10 -18.45 7.89
N TRP B 183 -16.09 -19.29 8.16
CA TRP B 183 -17.50 -18.91 8.09
C TRP B 183 -18.10 -19.02 9.48
N ARG B 184 -18.70 -17.94 9.97
CA ARG B 184 -18.98 -17.82 11.39
C ARG B 184 -20.46 -17.88 11.75
N ILE B 185 -21.37 -17.99 10.79
CA ILE B 185 -22.80 -18.00 11.07
C ILE B 185 -23.37 -19.36 10.68
N GLU B 186 -24.24 -19.89 11.53
CA GLU B 186 -24.82 -21.22 11.33
C GLU B 186 -26.07 -21.09 10.47
N LEU B 187 -26.00 -21.59 9.25
CA LEU B 187 -27.13 -21.57 8.32
C LEU B 187 -27.63 -22.99 8.07
N HIS B 188 -28.91 -23.09 7.72
CA HIS B 188 -29.53 -24.37 7.41
C HIS B 188 -29.87 -24.54 5.94
N SER B 189 -30.11 -23.43 5.22
CA SER B 189 -30.22 -23.52 3.76
C SER B 189 -28.86 -23.83 3.14
N ARG B 190 -27.78 -23.41 3.78
CA ARG B 190 -26.42 -23.79 3.39
C ARG B 190 -25.74 -24.41 4.60
N PRO B 191 -26.11 -25.66 4.93
CA PRO B 191 -25.61 -26.26 6.18
C PRO B 191 -24.19 -26.77 6.11
N GLU B 192 -23.64 -26.98 4.91
CA GLU B 192 -22.26 -27.43 4.80
C GLU B 192 -21.27 -26.33 5.19
N LEU B 193 -21.67 -25.07 5.04
CA LEU B 193 -20.80 -23.94 5.37
C LEU B 193 -20.32 -24.03 6.81
N THR B 194 -21.26 -23.96 7.76
CA THR B 194 -20.92 -24.07 9.17
C THR B 194 -20.27 -25.41 9.50
N ALA B 195 -20.44 -26.42 8.63
CA ALA B 195 -19.90 -27.74 8.93
C ALA B 195 -18.44 -27.86 8.51
N LEU B 196 -18.04 -27.24 7.39
CA LEU B 196 -16.70 -27.43 6.85
C LEU B 196 -15.92 -26.14 6.62
N ALA B 197 -16.47 -24.98 6.98
CA ALA B 197 -15.78 -23.72 6.77
C ALA B 197 -15.51 -22.95 8.06
N SER B 198 -15.88 -23.48 9.22
CA SER B 198 -15.72 -22.80 10.50
C SER B 198 -14.66 -23.43 11.38
N SER B 199 -13.87 -24.37 10.84
CA SER B 199 -12.96 -25.14 11.68
C SER B 199 -11.74 -24.33 12.11
N THR B 200 -11.20 -23.50 11.22
CA THR B 200 -9.91 -22.86 11.43
C THR B 200 -10.07 -21.34 11.54
N ALA B 201 -8.94 -20.68 11.80
CA ALA B 201 -8.85 -19.23 11.86
C ALA B 201 -7.44 -18.84 11.42
N VAL B 202 -7.12 -17.56 11.53
CA VAL B 202 -5.82 -17.06 11.11
C VAL B 202 -4.73 -17.58 12.05
N GLY B 203 -3.67 -18.14 11.48
CA GLY B 203 -2.51 -18.52 12.26
C GLY B 203 -2.62 -19.83 12.99
N GLY B 204 -3.49 -20.73 12.54
CA GLY B 204 -3.63 -22.01 13.21
C GLY B 204 -4.36 -21.95 14.54
N ASP B 205 -5.20 -20.94 14.72
CA ASP B 205 -5.94 -20.68 15.94
C ASP B 205 -7.33 -21.31 15.87
N PRO B 206 -7.99 -21.50 17.01
CA PRO B 206 -9.34 -22.09 16.99
C PRO B 206 -10.30 -21.30 16.13
N GLY B 207 -11.17 -22.02 15.42
CA GLY B 207 -12.22 -21.41 14.64
C GLY B 207 -13.53 -21.37 15.38
N GLY B 208 -14.59 -21.90 14.77
CA GLY B 208 -15.91 -21.92 15.36
C GLY B 208 -16.87 -21.02 14.60
N PHE B 209 -18.10 -20.99 15.10
CA PHE B 209 -19.16 -20.23 14.46
C PHE B 209 -20.21 -19.83 15.49
N TYR B 210 -21.01 -18.84 15.13
CA TYR B 210 -22.20 -18.50 15.89
C TYR B 210 -23.34 -19.40 15.44
N THR B 211 -23.93 -20.13 16.38
CA THR B 211 -25.17 -20.81 16.07
C THR B 211 -26.28 -19.78 15.90
N LYS B 212 -27.30 -20.17 15.12
CA LYS B 212 -28.53 -19.39 15.12
C LYS B 212 -29.08 -19.24 16.53
N ASP B 213 -28.83 -20.24 17.38
CA ASP B 213 -29.14 -20.08 18.79
C ASP B 213 -28.28 -18.96 19.40
N ASP B 214 -27.02 -18.85 18.99
CA ASP B 214 -26.12 -17.85 19.56
C ASP B 214 -26.23 -16.51 18.87
N TYR B 215 -26.74 -16.45 17.64
CA TYR B 215 -26.85 -15.19 16.93
C TYR B 215 -27.98 -14.32 17.47
N ARG B 216 -29.03 -14.94 18.00
CA ARG B 216 -30.11 -14.16 18.60
C ARG B 216 -29.66 -13.51 19.91
N GLU B 217 -28.74 -14.15 20.63
CA GLU B 217 -28.19 -13.54 21.84
C GLU B 217 -27.41 -12.27 21.52
N ILE B 218 -26.73 -12.24 20.37
CA ILE B 218 -25.97 -11.06 20.00
C ILE B 218 -26.91 -9.90 19.65
N VAL B 219 -27.98 -10.20 18.90
CA VAL B 219 -28.87 -9.13 18.47
C VAL B 219 -29.78 -8.66 19.58
N GLU B 220 -30.12 -9.53 20.53
CA GLU B 220 -30.96 -9.11 21.65
C GLU B 220 -30.15 -8.43 22.75
N TYR B 221 -28.88 -8.81 22.91
CA TYR B 221 -28.01 -8.08 23.83
C TYR B 221 -27.73 -6.68 23.30
N ALA B 222 -27.47 -6.56 21.99
CA ALA B 222 -27.24 -5.24 21.41
C ALA B 222 -28.53 -4.42 21.37
N ALA B 223 -29.68 -5.07 21.23
CA ALA B 223 -30.95 -4.34 21.26
C ALA B 223 -31.19 -3.73 22.63
N SER B 224 -30.82 -4.44 23.70
CA SER B 224 -30.93 -3.89 25.05
C SER B 224 -29.98 -2.71 25.24
N ARG B 225 -28.90 -2.63 24.47
CA ARG B 225 -28.03 -1.46 24.45
C ARG B 225 -28.40 -0.51 23.32
N HIS B 226 -29.58 -0.66 22.72
CA HIS B 226 -30.06 0.20 21.64
C HIS B 226 -29.10 0.19 20.46
N MET B 227 -28.52 -0.97 20.19
CA MET B 227 -27.61 -1.17 19.07
C MET B 227 -28.22 -2.13 18.08
N ILE B 228 -28.06 -1.84 16.79
CA ILE B 228 -28.50 -2.74 15.73
C ILE B 228 -27.31 -3.58 15.31
N VAL B 229 -27.60 -4.80 14.84
CA VAL B 229 -26.57 -5.75 14.43
C VAL B 229 -26.72 -5.99 12.94
N VAL B 230 -25.76 -5.52 12.15
CA VAL B 230 -25.77 -5.69 10.72
C VAL B 230 -24.76 -6.78 10.36
N PRO B 231 -25.19 -7.89 9.79
CA PRO B 231 -24.23 -8.96 9.43
C PRO B 231 -23.71 -8.81 8.01
N GLU B 232 -22.39 -8.93 7.84
CA GLU B 232 -21.78 -8.84 6.53
C GLU B 232 -21.31 -10.21 6.08
N ILE B 233 -21.60 -10.53 4.82
CA ILE B 233 -21.13 -11.74 4.17
C ILE B 233 -20.37 -11.29 2.93
N ASP B 234 -19.07 -11.03 3.11
CA ASP B 234 -18.19 -10.59 2.03
C ASP B 234 -18.24 -11.54 0.85
N MET B 235 -18.75 -11.07 -0.30
CA MET B 235 -18.73 -11.95 -1.47
C MET B 235 -18.02 -11.28 -2.65
N PRO B 236 -18.46 -11.48 -3.90
CA PRO B 236 -17.50 -11.81 -4.95
C PRO B 236 -16.21 -12.40 -4.38
N SER B 237 -15.28 -11.55 -3.96
CA SER B 237 -14.05 -12.04 -3.33
C SER B 237 -14.28 -12.28 -1.85
N HIS B 238 -13.20 -12.49 -1.10
CA HIS B 238 -13.26 -12.78 0.33
C HIS B 238 -14.22 -13.92 0.62
N THR B 239 -14.15 -14.97 -0.21
CA THR B 239 -15.09 -16.09 -0.17
C THR B 239 -14.38 -17.43 -0.26
N HIS B 240 -13.14 -17.52 0.20
CA HIS B 240 -12.40 -18.76 0.05
C HIS B 240 -12.99 -19.88 0.88
N ALA B 241 -13.42 -19.57 2.11
CA ALA B 241 -13.97 -20.61 2.98
C ALA B 241 -15.26 -21.20 2.41
N ILE B 242 -15.98 -20.42 1.61
CA ILE B 242 -17.21 -20.94 1.01
C ILE B 242 -16.90 -22.10 0.06
N GLY B 243 -15.75 -22.05 -0.61
CA GLY B 243 -15.35 -23.13 -1.48
C GLY B 243 -14.93 -24.40 -0.75
N LEU B 244 -14.69 -24.32 0.56
CA LEU B 244 -14.33 -25.52 1.31
C LEU B 244 -15.52 -26.46 1.47
N ALA B 245 -16.74 -25.90 1.57
CA ALA B 245 -17.95 -26.68 1.77
C ALA B 245 -18.75 -26.87 0.49
N TYR B 246 -18.82 -25.85 -0.36
CA TYR B 246 -19.50 -25.92 -1.65
C TYR B 246 -18.44 -25.70 -2.74
N PRO B 247 -17.64 -26.72 -3.03
CA PRO B 247 -16.49 -26.51 -3.93
C PRO B 247 -16.87 -26.14 -5.36
N GLU B 248 -18.13 -26.32 -5.75
CA GLU B 248 -18.54 -25.99 -7.10
C GLU B 248 -18.80 -24.49 -7.28
N LEU B 249 -18.69 -23.70 -6.22
CA LEU B 249 -18.99 -22.27 -6.28
C LEU B 249 -17.76 -21.39 -6.37
N ALA B 250 -16.61 -21.86 -5.89
CA ALA B 250 -15.41 -21.04 -5.79
C ALA B 250 -14.52 -21.22 -7.01
N GLU B 251 -13.79 -20.16 -7.34
CA GLU B 251 -12.76 -20.19 -8.35
C GLU B 251 -11.40 -20.43 -7.71
N GLU B 252 -10.47 -20.92 -8.52
CA GLU B 252 -9.12 -21.16 -8.02
C GLU B 252 -8.48 -19.83 -7.62
N PRO B 253 -7.67 -19.81 -6.56
CA PRO B 253 -7.08 -18.54 -6.11
C PRO B 253 -6.14 -17.94 -7.14
N VAL B 254 -6.11 -16.61 -7.18
CA VAL B 254 -5.15 -15.85 -7.97
C VAL B 254 -4.14 -15.26 -7.01
N ILE B 255 -2.85 -15.38 -7.35
CA ILE B 255 -1.80 -15.24 -6.33
C ILE B 255 -1.13 -13.88 -6.36
N THR B 256 -0.66 -13.45 -7.53
CA THR B 256 0.15 -12.24 -7.69
C THR B 256 1.47 -12.36 -6.95
N ASP B 257 1.94 -11.26 -6.35
CA ASP B 257 3.33 -11.24 -5.94
C ASP B 257 3.57 -11.40 -4.44
N PRO B 258 3.18 -12.52 -3.83
CA PRO B 258 3.97 -13.05 -2.71
C PRO B 258 4.99 -14.07 -3.22
N MET B 259 6.31 -13.91 -3.02
CA MET B 259 7.05 -12.89 -2.26
C MET B 259 6.78 -12.94 -0.75
N ARG B 260 5.72 -12.28 -0.30
CA ARG B 260 5.38 -12.29 1.13
C ARG B 260 5.19 -13.72 1.63
N GLU B 261 4.64 -14.59 0.80
CA GLU B 261 4.43 -15.98 1.22
C GLU B 261 5.74 -16.72 1.43
N THR B 262 6.82 -16.28 0.77
CA THR B 262 8.12 -16.90 0.93
C THR B 262 8.68 -16.64 2.32
N LEU B 270 2.22 -19.94 3.40
CA LEU B 270 1.61 -20.78 2.37
C LEU B 270 0.52 -20.02 1.61
N PRO B 271 0.63 -19.98 0.29
CA PRO B 271 -0.42 -19.35 -0.52
C PRO B 271 -1.72 -20.13 -0.45
N GLU B 272 -2.77 -19.51 -0.98
CA GLU B 272 -4.10 -20.10 -0.90
C GLU B 272 -4.23 -21.28 -1.85
N SER B 273 -5.01 -22.28 -1.43
CA SER B 273 -5.29 -23.45 -2.25
C SER B 273 -6.75 -23.85 -2.11
N GLY B 274 -7.01 -25.16 -2.13
CA GLY B 274 -8.35 -25.66 -1.86
C GLY B 274 -8.45 -26.14 -0.42
N THR B 275 -7.59 -25.61 0.43
CA THR B 275 -7.48 -25.98 1.83
C THR B 275 -7.66 -24.73 2.68
N PRO B 276 -7.97 -24.90 3.99
CA PRO B 276 -8.16 -23.72 4.85
C PRO B 276 -7.02 -22.74 4.79
N TYR B 277 -7.32 -21.50 4.38
CA TYR B 277 -6.31 -20.45 4.29
C TYR B 277 -6.09 -19.84 5.67
N LEU B 278 -4.86 -19.95 6.17
CA LEU B 278 -4.51 -19.43 7.49
C LEU B 278 -3.65 -18.18 7.41
N GLY B 279 -3.52 -17.59 6.22
CA GLY B 279 -2.75 -16.37 6.05
C GLY B 279 -3.62 -15.13 6.11
N ILE B 280 -3.03 -14.01 5.73
CA ILE B 280 -3.68 -12.70 5.83
C ILE B 280 -3.75 -11.96 4.51
N GLU B 281 -3.25 -12.55 3.41
CA GLU B 281 -3.38 -11.91 2.11
C GLU B 281 -4.85 -11.86 1.70
N VAL B 282 -5.19 -10.85 0.91
CA VAL B 282 -6.58 -10.57 0.54
C VAL B 282 -6.69 -10.51 -0.98
N GLY B 283 -7.94 -10.57 -1.45
CA GLY B 283 -8.23 -10.37 -2.85
C GLY B 283 -7.81 -11.47 -3.79
N PHE B 284 -7.74 -12.71 -3.30
CA PHE B 284 -7.40 -13.84 -4.14
C PHE B 284 -8.58 -14.74 -4.45
N SER B 285 -9.52 -14.89 -3.52
CA SER B 285 -10.65 -15.77 -3.72
C SER B 285 -11.77 -15.07 -4.47
N SER B 286 -12.71 -15.86 -4.99
CA SER B 286 -13.86 -15.33 -5.70
C SER B 286 -14.86 -16.46 -5.89
N LEU B 287 -16.09 -16.07 -6.18
CA LEU B 287 -17.14 -17.02 -6.54
C LEU B 287 -17.24 -17.11 -8.05
N LYS B 288 -17.71 -18.27 -8.54
CA LYS B 288 -17.99 -18.42 -9.96
C LYS B 288 -19.06 -17.41 -10.37
N ILE B 289 -18.63 -16.23 -10.80
CA ILE B 289 -19.54 -15.10 -10.98
C ILE B 289 -20.58 -15.38 -12.07
N HIS B 290 -20.24 -16.20 -13.07
CA HIS B 290 -21.17 -16.48 -14.15
C HIS B 290 -21.90 -17.81 -13.97
N ASP B 291 -21.77 -18.45 -12.82
CA ASP B 291 -22.53 -19.65 -12.51
C ASP B 291 -23.78 -19.25 -11.72
N GLU B 292 -24.95 -19.61 -12.24
CA GLU B 292 -26.20 -19.25 -11.57
C GLU B 292 -26.33 -19.91 -10.20
N ALA B 293 -25.57 -20.98 -9.94
CA ALA B 293 -25.56 -21.56 -8.61
C ALA B 293 -24.92 -20.63 -7.59
N THR B 294 -24.00 -19.77 -8.03
CA THR B 294 -23.41 -18.78 -7.15
C THR B 294 -24.47 -17.86 -6.57
N TYR B 295 -25.41 -17.41 -7.40
CA TYR B 295 -26.46 -16.52 -6.94
C TYR B 295 -27.57 -17.29 -6.22
N ASP B 296 -27.81 -18.55 -6.58
CA ASP B 296 -28.74 -19.36 -5.80
C ASP B 296 -28.19 -19.62 -4.41
N PHE B 297 -26.86 -19.57 -4.26
CA PHE B 297 -26.24 -19.69 -2.94
C PHE B 297 -26.41 -18.39 -2.15
N ALA B 298 -26.11 -17.26 -2.77
CA ALA B 298 -26.26 -15.98 -2.09
C ALA B 298 -27.72 -15.70 -1.73
N ALA B 299 -28.66 -16.20 -2.55
CA ALA B 299 -30.06 -16.03 -2.23
C ALA B 299 -30.44 -16.81 -0.96
N ASP B 300 -30.00 -18.07 -0.89
CA ASP B 300 -30.22 -18.85 0.33
C ASP B 300 -29.50 -18.23 1.51
N VAL B 301 -28.27 -17.77 1.30
CA VAL B 301 -27.45 -17.27 2.40
C VAL B 301 -28.00 -15.93 2.89
N PHE B 302 -28.38 -15.04 1.97
CA PHE B 302 -28.94 -13.76 2.38
C PHE B 302 -30.42 -13.86 2.73
N GLY B 303 -31.13 -14.84 2.17
CA GLY B 303 -32.52 -15.02 2.53
C GLY B 303 -32.70 -15.55 3.94
N GLU B 304 -31.91 -16.56 4.31
CA GLU B 304 -31.98 -17.10 5.66
C GLU B 304 -31.43 -16.11 6.68
N LEU B 305 -30.38 -15.39 6.32
CA LEU B 305 -29.77 -14.43 7.24
C LEU B 305 -30.75 -13.32 7.61
N ALA B 306 -31.46 -12.78 6.62
CA ALA B 306 -32.38 -11.67 6.87
C ALA B 306 -33.46 -12.05 7.88
N GLY B 307 -33.88 -13.32 7.89
CA GLY B 307 -34.89 -13.76 8.84
C GLY B 307 -34.42 -13.69 10.29
N MET B 308 -33.12 -13.66 10.52
CA MET B 308 -32.56 -13.61 11.87
C MET B 308 -32.14 -12.21 12.29
N THR B 309 -32.18 -11.24 11.39
CA THR B 309 -31.75 -9.87 11.69
C THR B 309 -32.90 -8.91 11.50
N PRO B 310 -33.51 -8.39 12.57
CA PRO B 310 -34.58 -7.39 12.40
C PRO B 310 -34.08 -6.03 11.95
N GLY B 311 -32.77 -5.79 11.98
CA GLY B 311 -32.21 -4.55 11.52
C GLY B 311 -32.46 -4.32 10.05
N PRO B 312 -32.45 -3.06 9.62
CA PRO B 312 -32.81 -2.75 8.23
C PRO B 312 -31.74 -3.14 7.21
N TYR B 313 -30.52 -3.45 7.64
CA TYR B 313 -29.39 -3.58 6.73
C TYR B 313 -28.89 -5.02 6.65
N LEU B 314 -28.52 -5.42 5.44
CA LEU B 314 -27.79 -6.65 5.19
C LEU B 314 -26.60 -6.31 4.32
N HIS B 315 -25.39 -6.50 4.86
CA HIS B 315 -24.17 -6.08 4.20
C HIS B 315 -23.65 -7.20 3.32
N LEU B 316 -23.54 -6.94 2.02
CA LEU B 316 -23.07 -7.94 1.07
C LEU B 316 -21.58 -7.87 0.78
N GLY B 317 -20.92 -6.76 1.13
CA GLY B 317 -19.49 -6.64 0.92
C GLY B 317 -19.12 -5.88 -0.34
N GLY B 318 -18.95 -6.59 -1.44
CA GLY B 318 -18.51 -5.98 -2.67
C GLY B 318 -17.01 -6.02 -2.90
N ASP B 319 -16.30 -6.96 -2.26
CA ASP B 319 -14.88 -7.12 -2.49
C ASP B 319 -14.67 -7.90 -3.78
N GLU B 320 -13.91 -7.32 -4.71
CA GLU B 320 -13.62 -7.97 -5.98
C GLU B 320 -12.23 -8.58 -5.93
N ALA B 321 -12.10 -9.76 -6.52
CA ALA B 321 -10.80 -10.42 -6.60
C ALA B 321 -9.86 -9.64 -7.52
N HIS B 322 -8.57 -9.77 -7.26
CA HIS B 322 -7.57 -9.13 -8.10
C HIS B 322 -7.63 -9.69 -9.51
N GLY B 323 -7.64 -8.81 -10.51
CA GLY B 323 -7.74 -9.25 -11.88
C GLY B 323 -9.12 -9.69 -12.31
N THR B 324 -10.16 -9.24 -11.63
CA THR B 324 -11.53 -9.57 -12.01
C THR B 324 -12.08 -8.47 -12.91
N ALA B 325 -12.87 -8.85 -13.90
CA ALA B 325 -13.40 -7.90 -14.86
C ALA B 325 -14.38 -6.95 -14.18
N GLU B 326 -14.30 -5.67 -14.54
CA GLU B 326 -15.20 -4.68 -13.96
C GLU B 326 -16.64 -4.98 -14.34
N GLU B 327 -16.89 -5.39 -15.59
CA GLU B 327 -18.24 -5.73 -16.01
C GLU B 327 -18.77 -6.95 -15.28
N ASP B 328 -17.90 -7.95 -15.08
CA ASP B 328 -18.33 -9.13 -14.34
C ASP B 328 -18.54 -8.83 -12.87
N PHE B 329 -17.66 -8.02 -12.28
CA PHE B 329 -17.88 -7.58 -10.90
C PHE B 329 -19.11 -6.68 -10.81
N ALA B 330 -19.38 -5.88 -11.84
CA ALA B 330 -20.61 -5.10 -11.87
C ALA B 330 -21.83 -6.02 -11.87
N LEU B 331 -21.79 -7.08 -12.68
CA LEU B 331 -22.93 -8.00 -12.75
C LEU B 331 -23.17 -8.70 -11.41
N PHE B 332 -22.08 -9.00 -10.68
CA PHE B 332 -22.19 -9.72 -9.42
C PHE B 332 -22.99 -8.93 -8.39
N VAL B 333 -22.44 -7.79 -7.95
CA VAL B 333 -23.12 -7.01 -6.93
C VAL B 333 -24.42 -6.39 -7.45
N SER B 334 -24.60 -6.29 -8.76
CA SER B 334 -25.89 -5.87 -9.29
C SER B 334 -26.96 -6.90 -8.98
N ARG B 335 -26.59 -8.19 -8.97
CA ARG B 335 -27.55 -9.25 -8.73
C ARG B 335 -27.81 -9.45 -7.25
N VAL B 336 -26.75 -9.50 -6.44
CA VAL B 336 -26.92 -9.87 -5.04
C VAL B 336 -27.59 -8.76 -4.25
N SER B 337 -27.28 -7.50 -4.58
CA SER B 337 -27.95 -6.39 -3.92
C SER B 337 -29.45 -6.40 -4.21
N THR B 338 -29.82 -6.72 -5.45
CA THR B 338 -31.24 -6.87 -5.78
C THR B 338 -31.86 -8.02 -5.01
N ILE B 339 -31.09 -9.09 -4.75
CA ILE B 339 -31.59 -10.19 -3.93
C ILE B 339 -31.91 -9.70 -2.53
N ILE B 340 -31.00 -8.93 -1.93
CA ILE B 340 -31.26 -8.34 -0.62
C ILE B 340 -32.37 -7.31 -0.70
N ALA B 341 -32.49 -6.61 -1.84
CA ALA B 341 -33.51 -5.57 -1.98
C ALA B 341 -34.91 -6.17 -1.88
N ASP B 342 -35.18 -7.23 -2.65
CA ASP B 342 -36.49 -7.87 -2.63
C ASP B 342 -36.74 -8.67 -1.36
N LEU B 343 -35.75 -8.80 -0.48
CA LEU B 343 -35.93 -9.49 0.79
C LEU B 343 -36.53 -8.60 1.87
N GLY B 344 -36.77 -7.33 1.57
CA GLY B 344 -37.22 -6.38 2.57
C GLY B 344 -36.12 -5.70 3.35
N LYS B 345 -34.86 -5.89 2.97
CA LYS B 345 -33.73 -5.33 3.66
C LYS B 345 -33.03 -4.28 2.80
N THR B 346 -32.32 -3.37 3.45
CA THR B 346 -31.51 -2.39 2.76
C THR B 346 -30.10 -2.94 2.59
N PRO B 347 -29.60 -3.07 1.36
CA PRO B 347 -28.29 -3.70 1.17
C PRO B 347 -27.15 -2.72 1.43
N VAL B 348 -26.06 -3.26 1.97
CA VAL B 348 -24.85 -2.50 2.24
C VAL B 348 -23.69 -3.18 1.52
N ALA B 349 -22.78 -2.37 0.99
CA ALA B 349 -21.61 -2.89 0.29
C ALA B 349 -20.46 -1.91 0.47
N TRP B 350 -19.25 -2.38 0.17
CA TRP B 350 -18.10 -1.50 0.18
C TRP B 350 -18.09 -0.64 -1.07
N HIS B 351 -17.50 0.56 -0.95
CA HIS B 351 -17.65 1.58 -1.98
C HIS B 351 -17.09 1.15 -3.33
N GLU B 352 -16.23 0.14 -3.38
CA GLU B 352 -15.65 -0.31 -4.64
C GLU B 352 -16.67 -0.90 -5.60
N ALA B 353 -17.94 -1.04 -5.19
CA ALA B 353 -19.00 -1.56 -6.06
C ALA B 353 -19.99 -0.49 -6.46
N GLY B 354 -19.63 0.80 -6.30
CA GLY B 354 -20.55 1.88 -6.60
C GLY B 354 -20.67 2.24 -8.06
N ASP B 355 -19.68 1.88 -8.88
CA ASP B 355 -19.77 2.12 -10.30
C ASP B 355 -20.73 1.16 -11.00
N ALA B 356 -21.28 0.18 -10.28
CA ALA B 356 -22.13 -0.83 -10.88
C ALA B 356 -23.44 -0.20 -11.37
N GLY B 357 -24.14 -0.95 -12.22
CA GLY B 357 -25.39 -0.50 -12.78
C GLY B 357 -26.61 -1.07 -12.07
N GLY B 358 -26.39 -1.99 -11.14
CA GLY B 358 -27.46 -2.58 -10.37
C GLY B 358 -27.64 -1.94 -9.01
N LEU B 359 -28.60 -2.47 -8.26
CA LEU B 359 -28.98 -2.01 -6.93
C LEU B 359 -29.63 -0.62 -6.98
N ALA B 360 -30.59 -0.39 -6.08
CA ALA B 360 -31.27 0.89 -5.97
C ALA B 360 -31.34 1.28 -4.50
N GLY B 361 -30.82 2.44 -4.16
CA GLY B 361 -30.81 2.89 -2.79
C GLY B 361 -29.86 2.13 -1.87
N ALA B 362 -28.89 1.43 -2.45
CA ALA B 362 -27.95 0.66 -1.64
C ALA B 362 -27.02 1.57 -0.85
N THR B 363 -26.69 1.16 0.37
CA THR B 363 -25.83 1.91 1.27
C THR B 363 -24.39 1.42 1.12
N VAL B 364 -23.44 2.34 1.26
CA VAL B 364 -22.04 2.04 1.02
C VAL B 364 -21.23 2.19 2.31
N GLY B 365 -20.06 1.55 2.31
CA GLY B 365 -19.06 1.76 3.33
C GLY B 365 -17.76 2.22 2.72
N GLN B 366 -17.54 3.53 2.69
CA GLN B 366 -16.30 4.07 2.15
C GLN B 366 -15.14 3.68 3.05
N TYR B 367 -14.18 2.93 2.50
CA TYR B 367 -12.99 2.54 3.24
C TYR B 367 -11.74 3.24 2.75
N TRP B 368 -11.87 4.23 1.87
CA TRP B 368 -10.71 4.91 1.32
C TRP B 368 -10.19 5.97 2.29
N GLY B 369 -8.98 6.45 2.01
CA GLY B 369 -8.35 7.43 2.88
C GLY B 369 -9.14 8.72 2.98
N TYR B 370 -8.89 9.45 4.07
CA TYR B 370 -9.58 10.71 4.29
C TYR B 370 -9.22 11.76 3.25
N VAL B 371 -8.05 11.66 2.63
CA VAL B 371 -7.68 12.50 1.50
C VAL B 371 -8.03 11.84 0.17
N THR B 372 -8.86 10.79 0.18
CA THR B 372 -9.25 9.94 -0.94
C THR B 372 -8.21 9.84 -2.05
N PRO B 373 -7.14 9.04 -1.85
CA PRO B 373 -6.22 8.71 -2.96
C PRO B 373 -6.83 7.64 -3.84
N THR B 374 -7.16 8.00 -5.07
CA THR B 374 -8.16 7.26 -5.82
C THR B 374 -7.56 6.07 -6.55
N ASP B 375 -8.35 4.99 -6.58
CA ASP B 375 -8.51 4.22 -7.82
C ASP B 375 -9.63 4.83 -8.65
N GLY B 376 -10.48 5.61 -7.98
CA GLY B 376 -11.68 6.22 -8.52
C GLY B 376 -12.63 6.38 -7.36
N MET B 377 -12.07 6.24 -6.15
CA MET B 377 -12.87 5.94 -4.97
C MET B 377 -13.72 7.11 -4.50
N ASP B 378 -13.30 8.35 -4.81
CA ASP B 378 -14.18 9.49 -4.55
C ASP B 378 -15.37 9.48 -5.50
N ASP B 379 -15.10 9.32 -6.80
CA ASP B 379 -16.18 9.25 -7.78
C ASP B 379 -16.98 7.97 -7.62
N ARG B 380 -16.32 6.86 -7.27
CA ARG B 380 -17.04 5.60 -7.12
C ARG B 380 -17.95 5.61 -5.90
N ALA B 381 -17.54 6.30 -4.83
CA ALA B 381 -18.41 6.40 -3.66
C ALA B 381 -19.64 7.25 -3.94
N ARG B 382 -19.51 8.26 -4.81
CA ARG B 382 -20.64 9.11 -5.14
C ARG B 382 -21.66 8.42 -6.05
N GLY B 383 -21.33 7.26 -6.61
CA GLY B 383 -22.31 6.50 -7.34
C GLY B 383 -23.45 6.01 -6.48
N PHE B 384 -23.17 5.74 -5.20
CA PHE B 384 -24.22 5.32 -4.27
C PHE B 384 -25.19 6.46 -3.98
N VAL B 385 -24.72 7.70 -4.00
CA VAL B 385 -25.58 8.84 -3.72
C VAL B 385 -26.40 9.21 -4.95
N SER B 386 -25.82 9.09 -6.15
CA SER B 386 -26.59 9.32 -7.37
C SER B 386 -27.63 8.24 -7.59
N ASN B 387 -27.44 7.05 -7.03
CA ASN B 387 -28.38 5.95 -7.19
C ASN B 387 -29.53 6.01 -6.21
N GLY B 388 -29.47 6.86 -5.20
CA GLY B 388 -30.52 7.00 -4.22
C GLY B 388 -30.22 6.46 -2.83
N GLY B 389 -28.96 6.21 -2.50
CA GLY B 389 -28.58 5.72 -1.19
C GLY B 389 -27.67 6.70 -0.46
N GLN B 390 -27.33 6.33 0.76
CA GLN B 390 -26.46 7.13 1.61
C GLN B 390 -25.13 6.40 1.82
N LEU B 391 -24.15 7.15 2.31
CA LEU B 391 -22.80 6.65 2.52
C LEU B 391 -22.52 6.51 4.01
N ILE B 392 -21.94 5.38 4.40
CA ILE B 392 -21.28 5.25 5.70
C ILE B 392 -19.79 5.41 5.46
N LEU B 393 -19.18 6.38 6.14
CA LEU B 393 -17.78 6.72 5.92
C LEU B 393 -16.91 6.02 6.95
N SER B 394 -15.91 5.30 6.49
CA SER B 394 -14.95 4.60 7.35
C SER B 394 -13.56 4.73 6.74
N PRO B 395 -12.94 5.91 6.87
CA PRO B 395 -11.63 6.12 6.24
C PRO B 395 -10.57 5.18 6.81
N ALA B 396 -9.82 4.54 5.90
CA ALA B 396 -8.82 3.56 6.33
C ALA B 396 -7.72 4.20 7.14
N ASP B 397 -7.10 5.26 6.61
CA ASP B 397 -6.04 5.92 7.34
C ASP B 397 -6.55 6.53 8.64
N ALA B 398 -7.81 6.96 8.67
CA ALA B 398 -8.36 7.62 9.86
C ALA B 398 -8.97 6.63 10.85
N ILE B 399 -10.02 5.92 10.43
CA ILE B 399 -10.90 5.25 11.38
C ILE B 399 -10.68 3.75 11.49
N TYR B 400 -9.85 3.16 10.63
CA TYR B 400 -9.57 1.73 10.70
C TYR B 400 -8.83 1.42 12.00
N LEU B 401 -9.52 0.76 12.94
CA LEU B 401 -8.97 0.49 14.26
C LEU B 401 -7.92 -0.61 14.26
N ASP B 402 -7.82 -1.39 13.19
CA ASP B 402 -6.82 -2.45 13.11
C ASP B 402 -5.45 -1.94 12.67
N MET B 403 -5.29 -0.64 12.47
CA MET B 403 -4.01 -0.09 12.06
C MET B 403 -3.09 0.08 13.27
N LYS B 404 -1.83 -0.29 13.09
CA LYS B 404 -0.88 -0.24 14.19
C LYS B 404 -0.71 1.17 14.72
N TYR B 405 -0.40 1.28 16.00
CA TYR B 405 -0.10 2.59 16.57
C TYR B 405 1.32 3.01 16.23
N PRO B 406 1.57 4.30 16.00
CA PRO B 406 2.95 4.76 15.92
C PRO B 406 3.70 4.57 17.22
N THR B 407 2.98 4.54 18.35
CA THR B 407 3.59 4.29 19.65
C THR B 407 4.25 2.92 19.67
N GLY B 408 3.44 1.85 19.66
CA GLY B 408 3.95 0.52 19.50
C GLY B 408 3.38 -0.50 20.46
N PRO B 409 2.17 -1.01 20.17
CA PRO B 409 1.67 -2.18 20.89
C PRO B 409 1.76 -3.44 20.05
N ASP B 410 2.71 -3.47 19.11
CA ASP B 410 3.03 -4.63 18.29
C ASP B 410 1.89 -5.04 17.35
N LEU B 411 0.67 -5.17 17.88
CA LEU B 411 -0.45 -5.63 17.08
C LEU B 411 -0.80 -4.61 15.99
N GLY B 412 -1.71 -5.02 15.11
CA GLY B 412 -2.23 -4.15 14.07
C GLY B 412 -1.51 -4.32 12.74
N LEU B 413 -1.94 -3.50 11.79
CA LEU B 413 -1.39 -3.48 10.45
C LEU B 413 -0.98 -2.05 10.10
N SER B 414 -0.42 -1.88 8.90
CA SER B 414 0.04 -0.57 8.46
C SER B 414 -0.24 -0.32 6.98
N TRP B 415 -1.16 -1.07 6.37
CA TRP B 415 -1.33 -1.04 4.93
C TRP B 415 -1.93 0.27 4.44
N ALA B 416 -2.50 1.09 5.32
CA ALA B 416 -3.09 2.36 4.92
C ALA B 416 -2.01 3.29 4.37
N ASN B 417 -1.53 4.21 5.19
CA ASN B 417 -0.38 5.04 4.88
C ASN B 417 0.53 5.12 6.08
N GLY B 418 0.87 3.95 6.62
CA GLY B 418 1.65 3.85 7.83
C GLY B 418 0.77 3.58 9.03
N PRO B 419 1.35 3.63 10.22
CA PRO B 419 0.55 3.54 11.44
C PRO B 419 -0.40 4.73 11.54
N THR B 420 -1.45 4.54 12.35
CA THR B 420 -2.48 5.56 12.54
C THR B 420 -2.34 6.12 13.95
N SER B 421 -1.93 7.38 14.04
CA SER B 421 -1.92 8.07 15.32
C SER B 421 -3.34 8.41 15.74
N VAL B 422 -3.53 8.57 17.05
CA VAL B 422 -4.85 8.93 17.57
C VAL B 422 -5.31 10.25 17.01
N GLN B 423 -4.37 11.17 16.73
CA GLN B 423 -4.72 12.45 16.14
C GLN B 423 -5.31 12.29 14.75
N ARG B 424 -4.69 11.45 13.92
CA ARG B 424 -5.17 11.25 12.55
C ARG B 424 -6.53 10.53 12.54
N ALA B 425 -6.78 9.67 13.52
CA ALA B 425 -8.13 9.12 13.70
C ALA B 425 -9.15 10.21 13.97
N TYR B 426 -8.70 11.36 14.47
CA TYR B 426 -9.55 12.52 14.69
C TYR B 426 -9.35 13.61 13.64
N ASP B 427 -8.23 13.58 12.92
CA ASP B 427 -7.88 14.64 11.97
C ASP B 427 -8.65 14.49 10.65
N TRP B 428 -9.97 14.51 10.76
CA TRP B 428 -10.83 14.40 9.59
C TRP B 428 -12.25 14.80 9.96
N GLU B 429 -12.95 15.35 8.99
CA GLU B 429 -14.35 15.73 9.14
C GLU B 429 -15.19 14.94 8.16
N PRO B 430 -16.24 14.24 8.61
CA PRO B 430 -17.07 13.45 7.69
C PRO B 430 -17.64 14.24 6.53
N SER B 431 -17.64 15.56 6.61
CA SER B 431 -18.18 16.38 5.53
C SER B 431 -17.15 16.69 4.45
N THR B 432 -15.97 17.20 4.84
CA THR B 432 -14.95 17.50 3.85
C THR B 432 -14.25 16.24 3.35
N VAL B 433 -14.11 15.22 4.19
CA VAL B 433 -13.54 13.95 3.78
C VAL B 433 -14.63 13.12 3.09
N ILE B 434 -15.61 13.81 2.51
CA ILE B 434 -16.66 13.20 1.71
C ILE B 434 -16.62 13.85 0.32
N PRO B 435 -16.17 13.11 -0.72
CA PRO B 435 -15.89 13.69 -2.05
C PRO B 435 -16.52 15.04 -2.37
N GLY B 436 -17.78 15.03 -2.79
CA GLY B 436 -18.50 16.25 -3.07
C GLY B 436 -19.99 16.05 -2.90
N ILE B 437 -20.39 15.50 -1.76
CA ILE B 437 -21.77 15.11 -1.53
C ILE B 437 -22.47 16.13 -0.64
N ASP B 438 -23.34 15.64 0.24
CA ASP B 438 -24.09 16.47 1.17
C ASP B 438 -24.31 15.68 2.44
N ASP B 439 -24.46 16.40 3.56
CA ASP B 439 -24.65 15.75 4.85
C ASP B 439 -25.92 14.90 4.89
N ALA B 440 -26.88 15.17 4.00
CA ALA B 440 -28.04 14.31 3.88
C ALA B 440 -27.71 13.00 3.19
N ASP B 441 -26.60 12.94 2.46
CA ASP B 441 -26.18 11.74 1.74
C ASP B 441 -25.22 10.88 2.55
N ILE B 442 -24.96 11.24 3.80
CA ILE B 442 -24.07 10.47 4.68
C ILE B 442 -24.94 9.81 5.73
N LEU B 443 -25.07 8.48 5.63
CA LEU B 443 -25.85 7.75 6.62
C LEU B 443 -25.16 7.77 7.98
N GLY B 444 -23.83 7.71 8.01
CA GLY B 444 -23.12 7.81 9.28
C GLY B 444 -21.67 7.41 9.15
N VAL B 445 -21.13 6.94 10.28
CA VAL B 445 -19.71 6.63 10.41
C VAL B 445 -19.56 5.24 11.01
N GLU B 446 -18.66 4.45 10.44
CA GLU B 446 -18.36 3.12 10.94
C GLU B 446 -16.88 3.03 11.30
N ALA B 447 -16.58 2.33 12.41
CA ALA B 447 -15.22 2.15 12.87
C ALA B 447 -14.82 0.68 12.75
N PRO B 448 -14.18 0.27 11.66
CA PRO B 448 -13.86 -1.15 11.46
C PRO B 448 -12.72 -1.60 12.35
N LEU B 449 -12.93 -2.72 13.04
CA LEU B 449 -11.89 -3.43 13.76
C LEU B 449 -11.71 -4.79 13.08
N TRP B 450 -10.58 -4.99 12.43
CA TRP B 450 -10.26 -6.25 11.78
C TRP B 450 -9.45 -7.12 12.73
N SER B 451 -9.63 -8.44 12.61
CA SER B 451 -9.08 -9.41 13.55
C SER B 451 -8.01 -10.30 12.92
N GLU B 452 -7.29 -9.78 11.92
CA GLU B 452 -6.13 -10.51 11.42
C GLU B 452 -5.09 -10.70 12.52
N THR B 453 -4.93 -9.68 13.37
CA THR B 453 -3.92 -9.72 14.41
C THR B 453 -4.49 -9.75 15.82
N LEU B 454 -5.80 -9.62 16.00
CA LEU B 454 -6.43 -9.54 17.32
C LEU B 454 -7.10 -10.87 17.66
N ARG B 455 -6.64 -11.51 18.73
CA ARG B 455 -7.18 -12.79 19.17
C ARG B 455 -7.72 -12.78 20.58
N SER B 456 -7.65 -11.65 21.30
CA SER B 456 -8.09 -11.56 22.68
C SER B 456 -9.07 -10.39 22.82
N LEU B 457 -9.88 -10.43 23.87
CA LEU B 457 -10.64 -9.24 24.24
C LEU B 457 -9.70 -8.14 24.69
N ASP B 458 -8.62 -8.52 25.39
CA ASP B 458 -7.57 -7.56 25.71
C ASP B 458 -6.89 -7.05 24.44
N ASP B 459 -6.72 -7.93 23.45
CA ASP B 459 -6.18 -7.51 22.17
C ASP B 459 -7.15 -6.59 21.43
N ILE B 460 -8.45 -6.87 21.52
CA ILE B 460 -9.44 -6.04 20.85
C ILE B 460 -9.49 -4.66 21.48
N GLU B 461 -9.43 -4.59 22.81
CA GLU B 461 -9.54 -3.31 23.50
C GLU B 461 -8.28 -2.47 23.33
N THR B 462 -7.11 -3.11 23.22
CA THR B 462 -5.86 -2.37 23.08
C THR B 462 -5.81 -1.59 21.77
N MET B 463 -6.55 -2.04 20.76
CA MET B 463 -6.55 -1.42 19.44
C MET B 463 -7.77 -0.55 19.18
N ALA B 464 -8.95 -0.98 19.65
CA ALA B 464 -10.16 -0.19 19.47
C ALA B 464 -10.04 1.15 20.19
N PHE B 465 -9.87 1.13 21.50
CA PHE B 465 -9.64 2.33 22.27
C PHE B 465 -8.15 2.71 22.21
N PRO B 466 -7.83 4.01 22.30
CA PRO B 466 -8.72 5.17 22.42
C PRO B 466 -9.28 5.67 21.09
N ARG B 467 -8.73 5.18 19.96
CA ARG B 467 -9.11 5.69 18.66
C ARG B 467 -10.59 5.47 18.31
N ILE B 468 -11.28 4.62 19.08
CA ILE B 468 -12.72 4.45 18.85
C ILE B 468 -13.47 5.70 19.29
N ALA B 469 -12.92 6.47 20.22
CA ALA B 469 -13.58 7.70 20.66
C ALA B 469 -13.64 8.72 19.54
N ALA B 470 -12.55 8.85 18.76
CA ALA B 470 -12.58 9.71 17.59
C ALA B 470 -13.60 9.25 16.56
N ALA B 471 -13.95 7.97 16.58
CA ALA B 471 -15.01 7.47 15.69
C ALA B 471 -16.37 7.92 16.17
N ALA B 472 -16.68 7.67 17.45
CA ALA B 472 -17.95 8.11 18.01
C ALA B 472 -18.08 9.63 17.97
N GLU B 473 -16.97 10.35 18.15
CA GLU B 473 -17.00 11.80 18.07
C GLU B 473 -17.36 12.26 16.65
N ALA B 474 -16.70 11.68 15.65
CA ALA B 474 -17.04 12.01 14.27
C ALA B 474 -18.46 11.57 13.94
N ALA B 475 -18.97 10.53 14.59
CA ALA B 475 -20.32 10.06 14.32
C ALA B 475 -21.35 10.87 15.09
N TRP B 476 -21.16 11.04 16.40
CA TRP B 476 -22.18 11.69 17.22
C TRP B 476 -22.07 13.20 17.19
N SER B 477 -20.88 13.73 17.51
CA SER B 477 -20.71 15.16 17.73
C SER B 477 -20.96 15.95 16.44
N PRO B 478 -21.22 17.26 16.55
CA PRO B 478 -21.41 18.09 15.36
C PRO B 478 -20.16 18.17 14.49
N ALA B 479 -20.27 18.86 13.35
CA ALA B 479 -19.16 18.98 12.43
C ALA B 479 -18.06 19.85 13.02
N THR B 480 -16.94 19.92 12.32
CA THR B 480 -15.82 20.76 12.73
C THR B 480 -16.07 22.23 12.49
N GLY B 481 -17.16 22.60 11.82
CA GLY B 481 -17.49 24.00 11.65
C GLY B 481 -18.02 24.61 12.94
N ALA B 482 -18.88 23.87 13.64
CA ALA B 482 -19.42 24.28 14.93
C ALA B 482 -18.63 23.59 16.04
N SER B 483 -19.17 23.64 17.26
CA SER B 483 -18.63 22.94 18.42
C SER B 483 -17.18 23.34 18.73
N ASP B 484 -17.01 24.27 19.68
CA ASP B 484 -15.67 24.68 20.07
C ASP B 484 -14.85 23.53 20.63
N LEU B 485 -15.51 22.57 21.29
CA LEU B 485 -14.84 21.43 21.88
C LEU B 485 -14.56 20.32 20.87
N ARG B 486 -14.85 20.54 19.59
CA ARG B 486 -14.58 19.55 18.55
C ARG B 486 -13.24 19.81 17.86
N THR B 487 -12.20 20.00 18.66
CA THR B 487 -10.84 20.19 18.18
C THR B 487 -9.94 19.11 18.77
N TRP B 488 -8.77 18.92 18.14
CA TRP B 488 -7.84 17.91 18.63
C TRP B 488 -7.33 18.25 20.03
N GLU B 489 -7.10 19.54 20.30
CA GLU B 489 -6.64 19.95 21.62
C GLU B 489 -7.69 19.64 22.70
N SER B 490 -8.97 19.69 22.35
CA SER B 490 -10.02 19.43 23.33
C SER B 490 -10.29 17.93 23.46
N PHE B 491 -10.45 17.23 22.33
CA PHE B 491 -10.69 15.79 22.36
C PHE B 491 -9.56 15.07 23.09
N ARG B 492 -8.31 15.44 22.78
CA ARG B 492 -7.16 14.83 23.45
C ARG B 492 -7.20 15.04 24.96
N ALA B 493 -7.82 16.13 25.41
CA ALA B 493 -7.94 16.36 26.85
C ALA B 493 -9.14 15.62 27.44
N ARG B 494 -10.27 15.59 26.73
CA ARG B 494 -11.45 14.94 27.25
C ARG B 494 -11.31 13.43 27.25
N VAL B 495 -10.67 12.86 26.22
CA VAL B 495 -10.47 11.42 26.16
C VAL B 495 -9.45 10.96 27.19
N GLY B 496 -8.58 11.85 27.66
CA GLY B 496 -7.65 11.52 28.73
C GLY B 496 -8.24 11.63 30.11
N ALA B 497 -9.31 12.42 30.26
CA ALA B 497 -9.98 12.52 31.56
C ALA B 497 -10.89 11.32 31.82
N LEU B 498 -11.37 10.67 30.76
CA LEU B 498 -12.19 9.48 30.89
C LEU B 498 -11.36 8.21 31.03
N GLY B 499 -10.03 8.34 31.09
CA GLY B 499 -9.15 7.21 31.30
C GLY B 499 -9.46 6.41 32.54
N PRO B 500 -9.48 7.08 33.71
CA PRO B 500 -9.90 6.39 34.94
C PRO B 500 -11.28 5.76 34.82
N LEU B 501 -12.21 6.40 34.13
CA LEU B 501 -13.52 5.80 33.89
C LEU B 501 -13.40 4.55 33.03
N TRP B 502 -12.50 4.56 32.05
CA TRP B 502 -12.31 3.38 31.20
C TRP B 502 -11.75 2.22 31.99
N THR B 503 -10.85 2.49 32.95
CA THR B 503 -10.26 1.43 33.75
C THR B 503 -11.27 0.83 34.71
N SER B 504 -12.27 1.61 35.15
CA SER B 504 -13.23 1.13 36.12
C SER B 504 -14.26 0.20 35.49
N LEU B 505 -14.67 0.48 34.26
CA LEU B 505 -15.63 -0.36 33.55
C LEU B 505 -15.00 -1.65 33.01
N GLY B 506 -13.73 -1.92 33.35
CA GLY B 506 -13.03 -3.08 32.83
C GLY B 506 -12.54 -2.92 31.41
N ILE B 507 -12.73 -1.76 30.79
CA ILE B 507 -12.32 -1.56 29.41
C ILE B 507 -10.82 -1.35 29.36
N GLY B 508 -10.14 -2.22 28.61
CA GLY B 508 -8.73 -2.01 28.34
C GLY B 508 -8.53 -0.99 27.23
N PHE B 509 -7.35 -0.38 27.25
CA PHE B 509 -7.00 0.60 26.23
C PHE B 509 -5.49 0.78 26.23
N HIS B 510 -4.95 1.16 25.08
CA HIS B 510 -3.54 1.46 24.96
C HIS B 510 -3.31 2.93 25.29
N PRO B 511 -2.62 3.26 26.38
CA PRO B 511 -2.32 4.66 26.67
C PRO B 511 -1.35 5.24 25.65
N SER B 512 -1.89 5.81 24.57
CA SER B 512 -1.06 6.46 23.57
C SER B 512 -0.37 7.67 24.17
N GLY B 513 0.95 7.73 24.03
CA GLY B 513 1.71 8.88 24.50
C GLY B 513 1.32 10.19 23.85
N GLU B 514 0.48 10.14 22.82
CA GLU B 514 -0.01 11.35 22.17
C GLU B 514 -0.88 12.20 23.09
N ILE B 515 -1.48 11.60 24.12
CA ILE B 515 -2.40 12.32 24.99
C ILE B 515 -2.01 12.09 26.44
N ASP B 516 -2.56 12.94 27.31
CA ASP B 516 -2.26 12.92 28.75
C ASP B 516 -3.46 12.34 29.49
N TRP B 517 -3.24 11.26 30.24
CA TRP B 517 -4.29 10.60 30.99
C TRP B 517 -4.27 11.04 32.45
N ALA B 518 -5.12 10.41 33.25
CA ALA B 518 -5.17 10.64 34.68
C ALA B 518 -4.97 9.33 35.44
#